data_9DK2
#
_entry.id   9DK2
#
_cell.length_a   57.716
_cell.length_b   120.661
_cell.length_c   152.767
_cell.angle_alpha   90.000
_cell.angle_beta   90.000
_cell.angle_gamma   90.000
#
_symmetry.space_group_name_H-M   'P 2 21 21'
#
loop_
_entity.id
_entity.type
_entity.pdbx_description
1 polymer Kinase
2 polymer Lyase
3 non-polymer "ADENOSINE-5'-TRIPHOSPHATE"
4 non-polymer 'MAGNESIUM ION'
5 non-polymer 'ACETIC ACID'
6 non-polymer GLYCEROL
7 non-polymer 'PHOSPHATE ION'
8 water water
#
loop_
_entity_poly.entity_id
_entity_poly.type
_entity_poly.pdbx_seq_one_letter_code
_entity_poly.pdbx_strand_id
1 'polypeptide(L)'
;GAMTTTTAERPRTRQRYRPTELDTVPAVNALLLRLGLGRLDAAATTAFGGRNDNWAGPTTTGEQVFVKTVTPLPDGTGCP
ELDRSLSFEDLAARLTPASPLRSPGLLGADPAAGVMVHRLVPGARSGAELALDGDFDDDLCRSAGRAVGTLHGLGPVDGL
DTGEAPLPPLSWLKALPWSAVQERSMAQIAAWQLVQDDTEVVDALHRLRDLERTVPLAPAHCDLRFDQFIRADEGAGELY
LVDWEEFRLADPARDVGAFAGEWLFHATYSVFAPTEAGAGRPEESTAGFGLTHEEIVARGSASLRRHLPRIAAFWQGYLE
CRPQALALDAGLPERAAAYAGWHMYDRLIATAESHATLNPVARAAAGIGRTVLLGPSAAARTLGLSAERTPYTPHATNGS
DHR
;
A
2 'polypeptide(L)'
;GAMTTALLNSPVPDASPVARHRGLAPRLAEALDAVSVAPGARRASVAGRTVTADSPRDLRGRLTNALYEELHAGRHRGGA
VPDGPPPRRTLRDPALEARLAAAVPHRTTPTRGRLVEVLRRPDGDQLVVRLPEVTARVPADRLLSPSVPPAPGETVELAL
EAARPALSPGFFYVMGSRPLPRPAGAVRRIFLHARDADAAVVLWGAALGALEEAAALYHAKVLSDPQDFPRRDAVVLYLH
GDHRPGERAVTEAVSRYAGTLTGPDTSVFTEELAPGVAAAWDPQDPRPGQSGMSFGQHRAFALASGLIDCALADGSEASD
ASGASGASEATEAADAPRPSDAPVGPGRAEHVVRALREAGIDPLHPQNNLDPSPGAAR
;
B
#
loop_
_chem_comp.id
_chem_comp.type
_chem_comp.name
_chem_comp.formula
ACY non-polymer 'ACETIC ACID' 'C2 H4 O2'
ATP non-polymer ADENOSINE-5'-TRIPHOSPHATE 'C10 H16 N5 O13 P3'
GOL non-polymer GLYCEROL 'C3 H8 O3'
MG non-polymer 'MAGNESIUM ION' 'Mg 2'
PO4 non-polymer 'PHOSPHATE ION' 'O4 P -3'
#
# COMPACT_ATOMS: atom_id res chain seq x y z
N PRO A 26 -23.21 10.90 17.98
CA PRO A 26 -24.23 11.71 18.65
C PRO A 26 -25.62 11.45 18.04
N ALA A 27 -25.73 11.55 16.72
CA ALA A 27 -27.01 11.30 16.03
C ALA A 27 -27.28 9.79 16.01
N VAL A 28 -26.25 9.00 16.29
CA VAL A 28 -26.42 7.52 16.33
C VAL A 28 -27.41 7.20 17.45
N ASN A 29 -27.13 7.70 18.66
CA ASN A 29 -28.03 7.43 19.81
C ASN A 29 -29.34 8.15 19.55
N ALA A 30 -29.29 9.38 19.01
CA ALA A 30 -30.53 10.03 18.63
C ALA A 30 -31.44 9.05 17.90
N LEU A 31 -30.93 8.47 16.81
CA LEU A 31 -31.67 7.57 15.96
C LEU A 31 -31.98 6.27 16.70
N LEU A 32 -30.99 5.74 17.44
CA LEU A 32 -31.18 4.45 18.09
C LEU A 32 -32.31 4.55 19.13
N LEU A 33 -32.48 5.74 19.72
CA LEU A 33 -33.50 5.94 20.73
C LEU A 33 -34.87 6.05 20.06
N ARG A 34 -34.95 6.81 18.97
CA ARG A 34 -36.23 7.01 18.30
C ARG A 34 -36.70 5.72 17.64
N LEU A 35 -35.89 4.65 17.75
CA LEU A 35 -36.17 3.38 17.07
C LEU A 35 -36.52 2.27 18.06
N GLY A 36 -36.51 2.59 19.36
CA GLY A 36 -36.89 1.64 20.39
C GLY A 36 -35.69 0.82 20.87
N LEU A 37 -34.47 1.25 20.53
CA LEU A 37 -33.29 0.42 20.67
C LEU A 37 -32.45 0.83 21.88
N GLY A 38 -32.75 2.01 22.41
CA GLY A 38 -31.94 2.52 23.53
C GLY A 38 -30.66 3.14 23.00
N ARG A 39 -29.60 3.12 23.80
CA ARG A 39 -28.30 3.66 23.37
C ARG A 39 -27.31 2.50 23.37
N LEU A 40 -26.13 2.69 22.77
CA LEU A 40 -25.18 1.56 22.67
C LEU A 40 -24.22 1.61 23.86
N ASP A 41 -23.97 0.46 24.48
CA ASP A 41 -22.98 0.41 25.59
C ASP A 41 -21.66 0.95 25.05
N ALA A 42 -21.18 2.08 25.58
CA ALA A 42 -19.92 2.68 25.07
C ALA A 42 -18.82 1.63 25.08
N ALA A 43 -18.88 0.69 26.02
CA ALA A 43 -17.93 -0.45 26.01
C ALA A 43 -18.71 -1.63 25.45
N ALA A 44 -18.02 -2.69 25.04
CA ALA A 44 -18.71 -3.83 24.38
C ALA A 44 -19.12 -3.40 22.98
N THR A 45 -18.99 -2.10 22.66
CA THR A 45 -19.28 -1.64 21.28
C THR A 45 -17.95 -1.58 20.53
N THR A 46 -17.68 -2.60 19.73
CA THR A 46 -16.38 -2.67 18.99
C THR A 46 -16.49 -1.84 17.72
N ALA A 47 -15.45 -1.86 16.88
CA ALA A 47 -15.50 -1.15 15.59
C ALA A 47 -14.82 -2.00 14.52
N PHE A 48 -15.51 -2.24 13.40
CA PHE A 48 -14.90 -2.98 12.28
C PHE A 48 -14.09 -2.01 11.43
N GLY A 49 -13.42 -2.50 10.40
CA GLY A 49 -12.65 -1.65 9.51
C GLY A 49 -13.50 -0.98 8.42
N GLY A 50 -12.84 -0.25 7.51
CA GLY A 50 -13.52 0.51 6.47
C GLY A 50 -13.42 2.00 6.74
N ARG A 51 -13.47 2.80 5.66
CA ARG A 51 -13.20 4.23 5.73
C ARG A 51 -14.25 4.90 6.63
N ASN A 52 -15.54 4.63 6.35
CA ASN A 52 -16.66 5.12 7.12
C ASN A 52 -16.59 4.61 8.56
N ASP A 53 -17.19 5.38 9.48
CA ASP A 53 -17.17 5.00 10.91
C ASP A 53 -18.25 3.94 11.15
N ASN A 54 -17.98 2.92 11.87
CA ASN A 54 -18.97 1.85 12.13
C ASN A 54 -18.92 1.48 13.60
N TRP A 55 -20.06 1.11 14.17
CA TRP A 55 -20.08 0.66 15.59
C TRP A 55 -20.90 -0.63 15.64
N ALA A 56 -20.38 -1.62 16.34
CA ALA A 56 -21.11 -2.90 16.49
C ALA A 56 -21.14 -3.26 17.96
N GLY A 57 -22.06 -4.16 18.35
CA GLY A 57 -22.18 -4.55 19.76
C GLY A 57 -23.61 -4.40 20.23
N PRO A 58 -23.92 -4.71 21.51
CA PRO A 58 -25.30 -4.66 21.99
C PRO A 58 -25.71 -3.28 22.49
N THR A 59 -27.01 -2.98 22.37
CA THR A 59 -27.59 -1.76 22.93
C THR A 59 -28.13 -2.07 24.33
N THR A 60 -28.56 -1.03 25.04
CA THR A 60 -29.01 -1.17 26.41
C THR A 60 -30.28 -2.04 26.50
N THR A 61 -31.06 -2.19 25.39
CA THR A 61 -32.19 -3.11 25.35
C THR A 61 -31.75 -4.53 24.95
N GLY A 62 -30.44 -4.77 24.93
CA GLY A 62 -29.87 -6.08 24.65
C GLY A 62 -30.09 -6.53 23.20
N GLU A 63 -30.19 -5.58 22.27
CA GLU A 63 -30.33 -5.93 20.87
C GLU A 63 -29.06 -5.54 20.15
N GLN A 64 -28.64 -6.43 19.25
CA GLN A 64 -27.34 -6.34 18.58
C GLN A 64 -27.49 -5.51 17.31
N VAL A 65 -26.64 -4.49 17.15
CA VAL A 65 -26.73 -3.60 16.01
C VAL A 65 -25.38 -3.48 15.31
N PHE A 66 -25.44 -3.11 14.04
CA PHE A 66 -24.32 -2.56 13.30
C PHE A 66 -24.74 -1.18 12.77
N VAL A 67 -23.91 -0.16 13.03
CA VAL A 67 -24.22 1.21 12.71
C VAL A 67 -23.14 1.77 11.78
N LYS A 68 -23.54 2.25 10.61
CA LYS A 68 -22.56 2.87 9.69
C LYS A 68 -22.90 4.35 9.50
N THR A 69 -21.87 5.19 9.35
CA THR A 69 -22.09 6.65 9.19
C THR A 69 -21.36 7.16 7.94
N VAL A 70 -22.09 7.70 6.98
CA VAL A 70 -21.46 8.33 5.78
C VAL A 70 -21.72 9.84 5.88
N THR A 71 -20.77 10.59 6.43
CA THR A 71 -20.97 12.05 6.67
C THR A 71 -21.24 12.82 5.39
N PRO A 72 -22.27 13.69 5.33
CA PRO A 72 -22.53 14.54 4.15
C PRO A 72 -21.85 15.92 4.16
N LEU A 73 -22.03 16.68 3.06
CA LEU A 73 -21.55 18.05 2.95
C LEU A 73 -22.29 18.93 3.98
N GLY A 78 -26.04 15.34 1.61
CA GLY A 78 -26.48 14.72 0.35
C GLY A 78 -25.42 13.82 -0.25
N CYS A 79 -25.30 12.59 0.26
CA CYS A 79 -24.26 11.64 -0.22
C CYS A 79 -24.90 10.65 -1.19
N PRO A 80 -24.38 10.52 -2.43
CA PRO A 80 -24.91 9.52 -3.36
C PRO A 80 -24.70 8.11 -2.80
N GLU A 81 -23.66 7.92 -2.00
CA GLU A 81 -23.35 6.58 -1.42
C GLU A 81 -24.50 6.13 -0.50
N LEU A 82 -25.02 7.04 0.32
CA LEU A 82 -26.14 6.69 1.24
C LEU A 82 -27.36 6.33 0.41
N ASP A 83 -27.70 7.16 -0.58
CA ASP A 83 -28.87 6.88 -1.41
C ASP A 83 -28.77 5.53 -2.08
N ARG A 84 -27.57 5.20 -2.58
CA ARG A 84 -27.37 3.91 -3.28
C ARG A 84 -27.48 2.76 -2.26
N SER A 85 -26.95 2.98 -1.06
CA SER A 85 -27.04 1.96 0.01
C SER A 85 -28.51 1.73 0.38
N LEU A 86 -29.33 2.78 0.29
CA LEU A 86 -30.78 2.66 0.61
C LEU A 86 -31.51 2.06 -0.60
N SER A 87 -31.18 2.49 -1.82
CA SER A 87 -31.78 1.86 -2.99
C SER A 87 -31.71 0.34 -2.90
N PHE A 88 -30.67 -0.21 -2.23
CA PHE A 88 -30.53 -1.65 -2.09
C PHE A 88 -31.40 -2.18 -0.96
N GLU A 89 -31.36 -1.52 0.21
CA GLU A 89 -32.04 -2.04 1.38
C GLU A 89 -33.55 -1.94 1.14
N ASP A 90 -33.97 -1.20 0.14
CA ASP A 90 -35.41 -1.13 -0.21
C ASP A 90 -35.76 -2.40 -0.99
N LEU A 91 -34.92 -2.74 -1.99
CA LEU A 91 -35.09 -4.01 -2.70
C LEU A 91 -34.94 -5.20 -1.75
N ALA A 92 -33.91 -5.21 -0.89
CA ALA A 92 -33.60 -6.43 -0.16
C ALA A 92 -34.69 -6.76 0.86
N ALA A 93 -35.36 -5.71 1.36
CA ALA A 93 -36.47 -5.86 2.29
C ALA A 93 -37.61 -6.65 1.66
N ARG A 94 -37.76 -6.62 0.31
CA ARG A 94 -38.87 -7.26 -0.40
C ARG A 94 -38.49 -8.63 -1.00
N LEU A 95 -37.55 -9.37 -0.39
CA LEU A 95 -37.04 -10.64 -0.93
C LEU A 95 -37.54 -11.83 -0.10
N THR A 96 -38.00 -12.87 -0.81
CA THR A 96 -38.54 -14.07 -0.21
C THR A 96 -37.41 -14.80 0.51
N PRO A 97 -37.68 -15.72 1.47
CA PRO A 97 -36.60 -16.48 2.11
C PRO A 97 -35.91 -17.50 1.20
N ALA A 98 -36.57 -17.81 0.06
CA ALA A 98 -36.03 -18.70 -0.97
C ALA A 98 -34.85 -18.08 -1.74
N SER A 99 -34.55 -16.79 -1.50
CA SER A 99 -33.49 -16.03 -2.23
C SER A 99 -32.05 -16.36 -1.82
N PRO A 100 -31.15 -16.67 -2.78
CA PRO A 100 -29.73 -16.87 -2.45
C PRO A 100 -29.08 -15.54 -2.01
N LEU A 101 -29.65 -14.40 -2.42
CA LEU A 101 -29.21 -13.03 -2.01
C LEU A 101 -29.87 -12.59 -0.70
N ARG A 102 -29.05 -12.21 0.27
CA ARG A 102 -29.53 -11.75 1.56
C ARG A 102 -28.81 -10.48 2.00
N SER A 103 -29.54 -9.68 2.79
CA SER A 103 -29.03 -8.55 3.54
C SER A 103 -29.45 -8.72 4.99
N PRO A 104 -28.61 -8.30 5.98
CA PRO A 104 -28.85 -8.65 7.38
C PRO A 104 -30.14 -8.02 7.95
N GLY A 105 -30.45 -6.80 7.50
CA GLY A 105 -31.72 -6.16 7.79
C GLY A 105 -31.52 -4.74 8.32
N LEU A 106 -32.21 -3.79 7.69
CA LEU A 106 -32.11 -2.37 8.03
C LEU A 106 -33.15 -2.03 9.10
N LEU A 107 -32.67 -1.56 10.25
CA LEU A 107 -33.53 -1.31 11.39
C LEU A 107 -34.11 0.11 11.28
N GLY A 108 -33.32 1.00 10.69
CA GLY A 108 -33.70 2.39 10.44
C GLY A 108 -32.52 3.22 9.93
N ALA A 109 -32.74 4.51 9.70
CA ALA A 109 -31.77 5.33 8.99
C ALA A 109 -32.09 6.81 9.10
N ASP A 110 -31.05 7.62 9.35
CA ASP A 110 -31.16 9.07 9.34
C ASP A 110 -30.50 9.62 8.08
N PRO A 111 -31.21 9.71 6.93
CA PRO A 111 -30.63 10.22 5.69
C PRO A 111 -29.90 11.55 5.91
N ALA A 112 -30.54 12.45 6.66
CA ALA A 112 -30.03 13.79 6.90
C ALA A 112 -28.59 13.78 7.43
N ALA A 113 -28.27 12.91 8.40
CA ALA A 113 -26.94 12.96 9.03
C ALA A 113 -26.07 11.75 8.64
N GLY A 114 -26.57 10.92 7.73
CA GLY A 114 -25.78 9.86 7.12
C GLY A 114 -25.61 8.59 7.98
N VAL A 115 -26.60 8.28 8.83
CA VAL A 115 -26.50 7.16 9.75
C VAL A 115 -27.42 6.06 9.23
N MET A 116 -26.98 4.80 9.42
CA MET A 116 -27.73 3.63 9.01
C MET A 116 -27.58 2.56 10.08
N VAL A 117 -28.70 1.93 10.45
CA VAL A 117 -28.67 0.89 11.48
C VAL A 117 -29.12 -0.42 10.85
N HIS A 118 -28.39 -1.49 11.17
CA HIS A 118 -28.69 -2.82 10.65
C HIS A 118 -28.68 -3.85 11.78
N ARG A 119 -29.42 -4.95 11.58
CA ARG A 119 -29.23 -6.12 12.39
C ARG A 119 -27.78 -6.63 12.24
N LEU A 120 -27.07 -6.73 13.35
CA LEU A 120 -25.74 -7.32 13.38
C LEU A 120 -25.84 -8.82 13.10
N VAL A 121 -25.00 -9.29 12.17
CA VAL A 121 -24.85 -10.72 11.93
C VAL A 121 -23.96 -11.30 13.02
N PRO A 122 -24.44 -12.35 13.74
CA PRO A 122 -23.74 -12.86 14.93
C PRO A 122 -22.48 -13.66 14.61
N GLY A 123 -21.36 -13.33 15.29
CA GLY A 123 -20.10 -14.01 15.05
C GLY A 123 -19.78 -14.07 13.55
N ALA A 124 -19.67 -12.89 12.94
CA ALA A 124 -19.53 -12.76 11.50
C ALA A 124 -18.06 -12.77 11.13
N ARG A 125 -17.67 -13.69 10.24
CA ARG A 125 -16.30 -13.72 9.76
C ARG A 125 -16.26 -13.17 8.33
N SER A 126 -15.20 -12.37 8.09
CA SER A 126 -15.02 -11.74 6.76
C SER A 126 -14.62 -12.78 5.73
N GLY A 127 -15.14 -12.59 4.50
CA GLY A 127 -14.78 -13.48 3.42
C GLY A 127 -13.29 -13.41 3.10
N ALA A 128 -12.63 -12.33 3.51
CA ALA A 128 -11.18 -12.19 3.34
C ALA A 128 -10.40 -13.03 4.36
N GLU A 129 -10.91 -13.16 5.59
CA GLU A 129 -10.33 -14.07 6.56
C GLU A 129 -10.57 -15.51 6.11
N LEU A 130 -11.79 -15.81 5.68
CA LEU A 130 -12.12 -17.12 5.16
C LEU A 130 -11.18 -17.51 4.02
N ALA A 131 -10.83 -16.55 3.15
CA ALA A 131 -10.00 -16.85 1.99
C ALA A 131 -8.61 -17.32 2.43
N LEU A 132 -7.97 -16.53 3.31
CA LEU A 132 -6.62 -16.78 3.79
C LEU A 132 -6.56 -18.06 4.65
N ASP A 133 -7.63 -18.37 5.39
CA ASP A 133 -7.67 -19.55 6.24
C ASP A 133 -7.99 -20.81 5.45
N GLY A 134 -8.13 -20.73 4.13
CA GLY A 134 -8.53 -21.90 3.33
C GLY A 134 -10.02 -22.25 3.36
N ASP A 135 -10.89 -21.44 3.98
CA ASP A 135 -12.29 -21.80 4.19
C ASP A 135 -13.27 -21.19 3.17
N PHE A 136 -12.79 -20.39 2.18
CA PHE A 136 -13.64 -19.91 1.09
C PHE A 136 -13.54 -20.94 -0.04
N ASP A 137 -14.26 -22.05 0.15
CA ASP A 137 -14.15 -23.22 -0.70
C ASP A 137 -15.12 -23.13 -1.88
N ASP A 138 -15.17 -24.19 -2.69
CA ASP A 138 -15.97 -24.21 -3.90
C ASP A 138 -17.45 -24.06 -3.56
N ASP A 139 -17.91 -24.66 -2.46
CA ASP A 139 -19.32 -24.58 -2.13
C ASP A 139 -19.72 -23.13 -1.84
N LEU A 140 -18.89 -22.40 -1.08
CA LEU A 140 -19.16 -21.02 -0.73
C LEU A 140 -19.02 -20.09 -1.94
N CYS A 141 -18.18 -20.49 -2.89
CA CYS A 141 -18.05 -19.71 -4.15
C CYS A 141 -19.32 -19.91 -4.97
N ARG A 142 -19.95 -21.08 -4.88
CA ARG A 142 -21.24 -21.33 -5.58
C ARG A 142 -22.30 -20.47 -4.91
N SER A 143 -22.40 -20.51 -3.59
CA SER A 143 -23.29 -19.60 -2.89
C SER A 143 -23.16 -18.18 -3.42
N ALA A 144 -21.92 -17.73 -3.61
CA ALA A 144 -21.68 -16.33 -3.89
C ALA A 144 -22.23 -16.04 -5.27
N GLY A 145 -22.06 -17.00 -6.17
CA GLY A 145 -22.48 -16.87 -7.56
C GLY A 145 -23.99 -16.83 -7.70
N ARG A 146 -24.68 -17.71 -6.97
CA ARG A 146 -26.14 -17.70 -6.88
C ARG A 146 -26.64 -16.34 -6.38
N ALA A 147 -26.06 -15.83 -5.30
CA ALA A 147 -26.37 -14.50 -4.76
C ALA A 147 -26.15 -13.41 -5.83
N VAL A 148 -25.05 -13.51 -6.59
CA VAL A 148 -24.73 -12.46 -7.54
C VAL A 148 -25.62 -12.65 -8.77
N GLY A 149 -25.90 -13.90 -9.15
CA GLY A 149 -26.82 -14.19 -10.25
C GLY A 149 -28.23 -13.66 -9.99
N THR A 150 -28.73 -13.88 -8.78
CA THR A 150 -30.00 -13.35 -8.34
C THR A 150 -30.03 -11.82 -8.36
N LEU A 151 -29.03 -11.15 -7.78
CA LEU A 151 -28.97 -9.70 -7.81
C LEU A 151 -29.21 -9.21 -9.23
N HIS A 152 -28.53 -9.83 -10.22
CA HIS A 152 -28.49 -9.29 -11.58
C HIS A 152 -29.83 -9.48 -12.31
N GLY A 153 -30.67 -10.44 -11.87
CA GLY A 153 -32.11 -10.42 -12.14
C GLY A 153 -32.88 -9.77 -10.99
N VAL A 157 -36.04 -2.15 -11.10
CA VAL A 157 -34.87 -1.50 -11.78
C VAL A 157 -34.99 0.05 -11.79
N ASP A 158 -36.16 0.60 -11.43
CA ASP A 158 -36.28 2.02 -11.10
C ASP A 158 -35.88 2.19 -9.64
N GLY A 159 -35.51 3.43 -9.25
CA GLY A 159 -34.91 3.70 -7.94
C GLY A 159 -33.38 3.68 -7.94
N LEU A 160 -32.86 3.03 -9.02
CA LEU A 160 -31.39 2.76 -9.09
C LEU A 160 -30.60 3.88 -9.75
N ASP A 161 -29.37 4.12 -9.24
CA ASP A 161 -28.48 5.10 -9.82
C ASP A 161 -27.99 4.58 -11.17
N THR A 162 -28.03 5.44 -12.18
CA THR A 162 -27.72 5.02 -13.54
C THR A 162 -26.44 5.68 -14.02
N GLY A 163 -25.84 6.55 -13.18
CA GLY A 163 -24.54 7.14 -13.50
C GLY A 163 -23.42 6.12 -13.71
N GLU A 164 -22.50 6.40 -14.64
CA GLU A 164 -21.38 5.49 -14.80
C GLU A 164 -20.53 5.48 -13.52
N ALA A 165 -20.10 4.28 -13.13
CA ALA A 165 -19.24 4.13 -11.94
C ALA A 165 -17.80 4.51 -12.30
N PRO A 166 -17.07 5.23 -11.42
CA PRO A 166 -15.72 5.67 -11.72
C PRO A 166 -14.68 4.58 -11.41
N LEU A 167 -14.86 3.39 -11.99
CA LEU A 167 -13.92 2.27 -11.74
C LEU A 167 -13.87 1.41 -13.00
N PRO A 168 -12.81 1.51 -13.84
CA PRO A 168 -11.62 2.29 -13.51
C PRO A 168 -11.75 3.80 -13.73
N PRO A 169 -11.10 4.66 -12.92
CA PRO A 169 -11.13 6.11 -13.13
C PRO A 169 -10.32 6.43 -14.38
N LEU A 170 -11.00 6.71 -15.50
CA LEU A 170 -10.29 6.90 -16.79
C LEU A 170 -9.46 8.18 -16.80
N SER A 171 -9.96 9.28 -16.21
CA SER A 171 -9.19 10.51 -16.27
C SER A 171 -7.87 10.39 -15.48
N TRP A 172 -7.80 9.52 -14.44
CA TRP A 172 -6.55 9.25 -13.73
C TRP A 172 -5.51 8.56 -14.62
N LEU A 173 -5.95 7.86 -15.67
CA LEU A 173 -5.00 7.22 -16.58
C LEU A 173 -4.30 8.27 -17.44
N LYS A 174 -4.97 9.42 -17.64
CA LYS A 174 -4.34 10.60 -18.23
C LYS A 174 -3.49 11.31 -17.18
N ALA A 175 -4.11 11.69 -16.05
CA ALA A 175 -3.46 12.45 -15.00
C ALA A 175 -4.21 12.33 -13.66
N LEU A 176 -3.45 12.11 -12.58
CA LEU A 176 -3.99 12.03 -11.23
C LEU A 176 -4.25 13.43 -10.70
N PRO A 177 -5.42 13.73 -10.10
CA PRO A 177 -5.61 15.01 -9.43
C PRO A 177 -4.51 15.17 -8.38
N TRP A 178 -3.89 16.36 -8.30
CA TRP A 178 -2.77 16.59 -7.41
C TRP A 178 -3.17 16.32 -5.96
N SER A 179 -4.39 16.69 -5.57
CA SER A 179 -4.91 16.34 -4.26
C SER A 179 -4.73 14.84 -3.97
N ALA A 180 -5.00 13.98 -4.95
CA ALA A 180 -4.95 12.53 -4.75
C ALA A 180 -3.52 12.04 -4.54
N VAL A 181 -2.55 12.59 -5.28
CA VAL A 181 -1.15 12.25 -5.09
C VAL A 181 -0.67 12.45 -3.65
N GLN A 182 -1.25 13.44 -2.96
CA GLN A 182 -0.79 13.77 -1.59
C GLN A 182 -1.43 12.83 -0.57
N GLU A 183 -2.20 11.86 -1.06
CA GLU A 183 -2.82 10.85 -0.16
C GLU A 183 -2.32 9.47 -0.57
N ARG A 184 -1.35 9.42 -1.48
CA ARG A 184 -0.82 8.15 -1.94
C ARG A 184 0.63 7.91 -1.49
N SER A 185 0.94 6.64 -1.21
CA SER A 185 2.29 6.17 -0.93
C SER A 185 3.09 6.24 -2.23
N MET A 186 4.47 6.10 -2.02
CA MET A 186 5.40 6.14 -3.17
C MET A 186 5.12 4.95 -4.11
N ALA A 187 4.72 3.84 -3.59
CA ALA A 187 4.46 2.62 -4.34
C ALA A 187 3.16 2.70 -5.16
N GLN A 188 2.09 3.26 -4.55
CA GLN A 188 0.87 3.62 -5.28
C GLN A 188 1.12 4.58 -6.43
N ILE A 189 1.97 5.61 -6.23
CA ILE A 189 2.26 6.58 -7.28
C ILE A 189 3.00 5.90 -8.43
N ALA A 190 3.87 4.95 -8.08
CA ALA A 190 4.70 4.24 -9.06
C ALA A 190 3.84 3.26 -9.86
N ALA A 191 2.87 2.62 -9.19
CA ALA A 191 1.90 1.75 -9.87
C ALA A 191 1.08 2.58 -10.87
N TRP A 192 0.54 3.73 -10.42
CA TRP A 192 -0.24 4.59 -11.30
C TRP A 192 0.59 5.04 -12.50
N GLN A 193 1.87 5.33 -12.28
CA GLN A 193 2.69 5.75 -13.40
C GLN A 193 2.84 4.59 -14.39
N LEU A 194 3.00 3.35 -13.89
CA LEU A 194 3.11 2.18 -14.76
C LEU A 194 1.88 2.10 -15.65
N VAL A 195 0.70 2.23 -15.02
CA VAL A 195 -0.55 2.22 -15.77
C VAL A 195 -0.62 3.37 -16.78
N GLN A 196 -0.49 4.60 -16.29
CA GLN A 196 -0.53 5.80 -17.13
C GLN A 196 0.36 5.62 -18.35
N ASP A 197 1.56 5.05 -18.23
CA ASP A 197 2.50 5.01 -19.35
C ASP A 197 2.27 3.79 -20.26
N ASP A 198 1.28 2.95 -19.94
CA ASP A 198 1.01 1.75 -20.72
C ASP A 198 -0.18 2.01 -21.65
N THR A 199 0.11 2.41 -22.87
CA THR A 199 -0.91 2.86 -23.81
C THR A 199 -1.91 1.76 -24.12
N GLU A 200 -1.44 0.52 -24.32
CA GLU A 200 -2.34 -0.59 -24.59
C GLU A 200 -3.32 -0.84 -23.44
N VAL A 201 -2.86 -0.72 -22.19
CA VAL A 201 -3.74 -0.96 -21.05
C VAL A 201 -4.78 0.16 -20.98
N VAL A 202 -4.31 1.40 -21.08
CA VAL A 202 -5.22 2.53 -20.99
C VAL A 202 -6.31 2.39 -22.03
N ASP A 203 -5.94 1.92 -23.23
CA ASP A 203 -6.88 1.87 -24.34
C ASP A 203 -7.87 0.73 -24.15
N ALA A 204 -7.40 -0.38 -23.59
CA ALA A 204 -8.28 -1.50 -23.30
C ALA A 204 -9.32 -1.06 -22.28
N LEU A 205 -8.93 -0.20 -21.33
CA LEU A 205 -9.85 0.22 -20.28
C LEU A 205 -10.93 1.15 -20.84
N HIS A 206 -10.55 2.00 -21.80
CA HIS A 206 -11.48 2.88 -22.50
C HIS A 206 -12.50 2.04 -23.25
N ARG A 207 -12.06 1.05 -24.02
CA ARG A 207 -13.00 0.19 -24.78
C ARG A 207 -13.95 -0.50 -23.81
N LEU A 208 -13.44 -0.96 -22.66
CA LEU A 208 -14.28 -1.67 -21.71
C LEU A 208 -15.40 -0.79 -21.14
N ARG A 209 -15.01 0.52 -20.94
CA ARG A 209 -16.00 1.47 -20.34
C ARG A 209 -17.02 1.87 -21.40
N ASP A 210 -16.68 1.82 -22.66
CA ASP A 210 -17.56 2.24 -23.77
C ASP A 210 -18.61 1.15 -24.02
N LEU A 211 -18.21 -0.14 -23.92
CA LEU A 211 -19.17 -1.20 -24.05
C LEU A 211 -20.31 -1.06 -23.05
N GLU A 212 -20.06 -0.42 -21.91
CA GLU A 212 -21.09 -0.31 -20.88
C GLU A 212 -22.30 0.47 -21.39
N ARG A 213 -22.13 1.24 -22.47
CA ARG A 213 -23.21 2.03 -23.06
C ARG A 213 -24.07 1.18 -24.00
N THR A 214 -23.58 0.01 -24.42
CA THR A 214 -24.17 -0.75 -25.52
C THR A 214 -24.45 -2.21 -25.11
N VAL A 215 -24.69 -2.51 -23.83
CA VAL A 215 -24.89 -3.89 -23.41
C VAL A 215 -26.03 -3.93 -22.40
N PRO A 216 -26.71 -5.09 -22.24
CA PRO A 216 -27.67 -5.30 -21.16
C PRO A 216 -27.03 -5.07 -19.81
N LEU A 217 -27.50 -3.99 -19.16
CA LEU A 217 -27.12 -3.60 -17.81
C LEU A 217 -28.03 -4.30 -16.82
N ALA A 218 -27.69 -4.19 -15.54
CA ALA A 218 -28.33 -4.98 -14.51
C ALA A 218 -27.97 -4.37 -13.14
N PRO A 219 -28.79 -4.60 -12.11
CA PRO A 219 -28.46 -4.09 -10.79
C PRO A 219 -27.12 -4.72 -10.44
N ALA A 220 -26.17 -3.89 -9.98
CA ALA A 220 -24.79 -4.38 -9.72
C ALA A 220 -24.14 -3.70 -8.51
N HIS A 221 -23.34 -4.44 -7.74
CA HIS A 221 -22.62 -3.90 -6.54
C HIS A 221 -21.56 -2.91 -6.97
N CYS A 222 -20.69 -3.28 -7.92
CA CYS A 222 -19.67 -2.35 -8.50
C CYS A 222 -18.45 -2.18 -7.58
N ASP A 223 -18.45 -2.80 -6.40
CA ASP A 223 -17.28 -2.74 -5.48
C ASP A 223 -17.15 -4.08 -4.78
N LEU A 224 -17.09 -5.18 -5.54
CA LEU A 224 -17.11 -6.53 -4.92
C LEU A 224 -15.72 -7.05 -4.59
N ARG A 225 -15.55 -7.58 -3.38
CA ARG A 225 -14.31 -8.21 -2.93
C ARG A 225 -14.63 -9.26 -1.86
N PHE A 226 -13.67 -10.13 -1.53
CA PHE A 226 -13.86 -11.06 -0.42
C PHE A 226 -14.29 -10.33 0.85
N ASP A 227 -13.75 -9.12 1.11
CA ASP A 227 -14.04 -8.37 2.33
C ASP A 227 -15.29 -7.50 2.20
N GLN A 228 -16.08 -7.69 1.14
CA GLN A 228 -17.46 -7.19 1.07
C GLN A 228 -18.45 -8.32 1.36
N PHE A 229 -17.96 -9.52 1.73
CA PHE A 229 -18.81 -10.62 2.17
C PHE A 229 -18.58 -10.94 3.64
N ILE A 230 -19.62 -11.45 4.30
CA ILE A 230 -19.53 -11.97 5.66
C ILE A 230 -20.36 -13.24 5.78
N ARG A 231 -19.80 -14.23 6.50
CA ARG A 231 -20.52 -15.45 6.81
C ARG A 231 -20.83 -15.46 8.31
N ALA A 232 -22.09 -15.80 8.62
CA ALA A 232 -22.59 -15.79 9.99
C ALA A 232 -22.11 -17.04 10.72
N ASP A 233 -22.07 -16.97 12.07
CA ASP A 233 -21.79 -18.08 12.97
C ASP A 233 -20.35 -18.58 12.80
N GLU A 234 -19.39 -17.66 12.80
CA GLU A 234 -17.97 -17.95 12.70
C GLU A 234 -17.65 -18.74 11.41
N GLY A 235 -18.37 -18.43 10.33
CA GLY A 235 -18.12 -19.06 9.03
C GLY A 235 -18.85 -20.39 8.87
N ALA A 236 -19.95 -20.54 9.62
CA ALA A 236 -20.74 -21.79 9.52
C ALA A 236 -22.18 -21.47 9.12
N GLY A 237 -22.52 -20.19 8.98
CA GLY A 237 -23.92 -19.83 8.71
C GLY A 237 -24.19 -19.36 7.30
N GLU A 238 -25.10 -18.40 7.14
CA GLU A 238 -25.50 -17.92 5.80
C GLU A 238 -24.47 -16.93 5.26
N LEU A 239 -24.51 -16.66 3.96
CA LEU A 239 -23.54 -15.73 3.33
C LEU A 239 -24.20 -14.38 3.09
N TYR A 240 -23.61 -13.31 3.60
CA TYR A 240 -24.11 -11.97 3.32
C TYR A 240 -23.13 -11.22 2.43
N LEU A 241 -23.68 -10.36 1.57
CA LEU A 241 -22.83 -9.43 0.77
C LEU A 241 -23.19 -8.02 1.27
N VAL A 242 -22.19 -7.18 1.59
CA VAL A 242 -22.50 -5.87 2.23
C VAL A 242 -21.85 -4.69 1.50
N ASP A 243 -21.89 -3.49 2.10
CA ASP A 243 -21.30 -2.26 1.52
C ASP A 243 -21.91 -1.98 0.14
N TRP A 244 -23.12 -1.42 0.11
CA TRP A 244 -23.82 -1.16 -1.18
C TRP A 244 -23.72 0.32 -1.55
N GLU A 245 -22.62 0.98 -1.19
CA GLU A 245 -22.41 2.41 -1.51
C GLU A 245 -22.23 2.62 -3.02
N GLU A 246 -21.97 1.56 -3.78
CA GLU A 246 -21.69 1.72 -5.21
C GLU A 246 -22.79 1.08 -6.06
N PHE A 247 -23.88 0.69 -5.41
CA PHE A 247 -24.99 -0.01 -6.05
C PHE A 247 -25.58 0.84 -7.17
N ARG A 248 -25.57 0.26 -8.38
CA ARG A 248 -26.00 0.93 -9.61
C ARG A 248 -26.60 -0.05 -10.63
N LEU A 249 -27.22 0.53 -11.66
CA LEU A 249 -27.53 -0.17 -12.90
C LEU A 249 -26.29 -0.08 -13.79
N ALA A 250 -25.61 -1.23 -13.96
CA ALA A 250 -24.32 -1.24 -14.61
C ALA A 250 -24.07 -2.59 -15.26
N ASP A 251 -22.90 -2.70 -15.88
CA ASP A 251 -22.42 -3.91 -16.52
C ASP A 251 -22.26 -4.98 -15.44
N PRO A 252 -23.04 -6.08 -15.52
CA PRO A 252 -22.90 -7.20 -14.61
C PRO A 252 -21.53 -7.90 -14.68
N ALA A 253 -20.80 -7.73 -15.79
CA ALA A 253 -19.41 -8.17 -15.89
C ALA A 253 -18.51 -7.60 -14.78
N ARG A 254 -18.92 -6.48 -14.17
CA ARG A 254 -18.18 -5.86 -13.09
C ARG A 254 -18.14 -6.81 -11.91
N ASP A 255 -19.24 -7.51 -11.63
CA ASP A 255 -19.34 -8.31 -10.42
C ASP A 255 -18.71 -9.69 -10.66
N VAL A 256 -18.87 -10.22 -11.87
CA VAL A 256 -18.32 -11.51 -12.19
C VAL A 256 -16.81 -11.33 -12.22
N GLY A 257 -16.37 -10.28 -12.94
CA GLY A 257 -14.95 -9.99 -13.09
C GLY A 257 -14.26 -9.73 -11.75
N ALA A 258 -14.97 -9.00 -10.87
CA ALA A 258 -14.43 -8.65 -9.57
C ALA A 258 -14.15 -9.90 -8.77
N PHE A 259 -15.00 -10.92 -8.91
CA PHE A 259 -14.88 -12.10 -8.06
C PHE A 259 -13.79 -13.04 -8.62
N ALA A 260 -13.76 -13.20 -9.93
CA ALA A 260 -12.64 -13.84 -10.59
C ALA A 260 -11.33 -13.17 -10.19
N GLY A 261 -11.28 -11.83 -10.23
CA GLY A 261 -10.06 -11.11 -9.96
C GLY A 261 -9.61 -11.19 -8.50
N GLU A 262 -10.55 -11.40 -7.59
CA GLU A 262 -10.20 -11.61 -6.21
C GLU A 262 -9.35 -12.89 -6.10
N TRP A 263 -9.73 -13.95 -6.83
CA TRP A 263 -9.00 -15.20 -6.84
C TRP A 263 -7.66 -15.07 -7.58
N LEU A 264 -7.67 -14.32 -8.70
CA LEU A 264 -6.40 -14.08 -9.41
C LEU A 264 -5.43 -13.36 -8.47
N PHE A 265 -5.88 -12.35 -7.77
CA PHE A 265 -5.04 -11.59 -6.86
C PHE A 265 -4.53 -12.46 -5.73
N HIS A 266 -5.46 -13.16 -5.08
CA HIS A 266 -5.12 -14.09 -4.01
C HIS A 266 -4.08 -15.10 -4.48
N ALA A 267 -4.30 -15.68 -5.66
CA ALA A 267 -3.48 -16.80 -6.07
C ALA A 267 -2.04 -16.35 -6.38
N THR A 268 -1.90 -15.13 -6.89
CA THR A 268 -0.59 -14.65 -7.38
C THR A 268 0.05 -13.56 -6.49
N TYR A 269 -0.54 -13.27 -5.33
CA TYR A 269 0.09 -12.28 -4.42
C TYR A 269 -0.20 -12.61 -2.96
N SER A 270 -1.45 -12.48 -2.53
CA SER A 270 -1.79 -12.67 -1.09
C SER A 270 -1.17 -13.94 -0.52
N VAL A 271 -1.04 -14.99 -1.34
CA VAL A 271 -0.49 -16.30 -0.86
C VAL A 271 1.03 -16.21 -0.78
N PHE A 272 1.64 -15.30 -1.54
CA PHE A 272 3.12 -15.21 -1.58
C PHE A 272 3.57 -14.01 -0.75
N ALA A 273 2.77 -13.59 0.23
CA ALA A 273 3.12 -12.40 1.04
C ALA A 273 2.39 -12.47 2.39
N GLY A 290 14.20 -12.45 -2.48
CA GLY A 290 15.23 -12.58 -3.53
C GLY A 290 15.10 -13.87 -4.33
N LEU A 291 13.94 -14.05 -5.00
CA LEU A 291 13.76 -15.03 -6.07
C LEU A 291 13.92 -14.31 -7.41
N THR A 292 13.99 -15.07 -8.51
CA THR A 292 14.11 -14.52 -9.86
C THR A 292 12.71 -14.22 -10.39
N HIS A 293 12.61 -13.34 -11.41
CA HIS A 293 11.32 -12.95 -11.97
C HIS A 293 10.65 -14.15 -12.63
N GLU A 294 11.46 -14.99 -13.28
CA GLU A 294 10.97 -16.20 -13.92
C GLU A 294 10.51 -17.20 -12.85
N GLU A 295 11.18 -17.21 -11.70
CA GLU A 295 10.79 -18.14 -10.61
C GLU A 295 9.51 -17.65 -9.95
N ILE A 296 9.29 -16.34 -9.96
CA ILE A 296 8.13 -15.80 -9.26
C ILE A 296 6.89 -16.01 -10.12
N VAL A 297 7.06 -15.90 -11.44
CA VAL A 297 5.94 -16.12 -12.39
C VAL A 297 5.54 -17.60 -12.33
N ALA A 298 6.50 -18.50 -12.46
CA ALA A 298 6.18 -19.92 -12.46
C ALA A 298 5.46 -20.33 -11.18
N ARG A 299 5.93 -19.84 -10.03
CA ARG A 299 5.28 -20.11 -8.76
C ARG A 299 3.84 -19.59 -8.77
N GLY A 300 3.63 -18.39 -9.35
CA GLY A 300 2.34 -17.71 -9.35
C GLY A 300 1.33 -18.35 -10.30
N SER A 301 1.81 -18.71 -11.50
CA SER A 301 1.09 -19.50 -12.49
C SER A 301 0.55 -20.81 -11.92
N ALA A 302 1.37 -21.53 -11.19
CA ALA A 302 0.95 -22.80 -10.63
C ALA A 302 -0.12 -22.55 -9.58
N SER A 303 0.04 -21.47 -8.80
CA SER A 303 -0.88 -21.13 -7.73
C SER A 303 -2.25 -20.79 -8.33
N LEU A 304 -2.21 -20.09 -9.47
CA LEU A 304 -3.39 -19.70 -10.19
C LEU A 304 -4.14 -20.94 -10.69
N ARG A 305 -3.44 -21.76 -11.47
CA ARG A 305 -3.97 -23.01 -11.98
C ARG A 305 -4.72 -23.74 -10.87
N ARG A 306 -4.17 -23.77 -9.66
CA ARG A 306 -4.78 -24.53 -8.57
C ARG A 306 -5.94 -23.79 -7.90
N HIS A 307 -6.14 -22.51 -8.24
CA HIS A 307 -7.24 -21.75 -7.64
C HIS A 307 -8.39 -21.49 -8.62
N LEU A 308 -8.28 -22.01 -9.85
CA LEU A 308 -9.24 -21.86 -10.93
C LEU A 308 -10.56 -22.52 -10.59
N PRO A 309 -10.59 -23.71 -9.95
CA PRO A 309 -11.86 -24.32 -9.57
C PRO A 309 -12.76 -23.39 -8.77
N ARG A 310 -12.15 -22.43 -8.07
CA ARG A 310 -12.92 -21.50 -7.24
C ARG A 310 -13.77 -20.60 -8.15
N ILE A 311 -13.21 -20.21 -9.30
CA ILE A 311 -13.88 -19.31 -10.22
C ILE A 311 -14.96 -20.05 -11.02
N ALA A 312 -14.69 -21.30 -11.39
CA ALA A 312 -15.64 -22.16 -12.09
C ALA A 312 -16.83 -22.43 -11.18
N ALA A 313 -16.59 -22.65 -9.89
CA ALA A 313 -17.66 -22.83 -8.91
C ALA A 313 -18.58 -21.61 -8.88
N PHE A 314 -17.99 -20.41 -8.78
CA PHE A 314 -18.77 -19.19 -8.74
C PHE A 314 -19.66 -19.08 -9.99
N TRP A 315 -19.08 -19.37 -11.16
CA TRP A 315 -19.74 -19.22 -12.44
C TRP A 315 -20.90 -20.19 -12.58
N GLN A 316 -20.76 -21.39 -12.01
CA GLN A 316 -21.85 -22.36 -12.03
C GLN A 316 -22.95 -21.89 -11.08
N GLY A 317 -22.60 -21.36 -9.91
CA GLY A 317 -23.63 -20.81 -9.02
C GLY A 317 -24.38 -19.66 -9.70
N TYR A 318 -23.65 -18.87 -10.48
CA TYR A 318 -24.22 -17.72 -11.16
C TYR A 318 -25.20 -18.18 -12.25
N LEU A 319 -24.84 -19.21 -13.01
CA LEU A 319 -25.65 -19.66 -14.12
C LEU A 319 -26.87 -20.43 -13.62
N GLU A 320 -26.78 -21.05 -12.43
CA GLU A 320 -27.93 -21.67 -11.76
C GLU A 320 -29.05 -20.66 -11.47
N CYS A 321 -28.69 -19.43 -11.07
CA CYS A 321 -29.71 -18.44 -10.76
C CYS A 321 -29.98 -17.48 -11.91
N ARG A 322 -29.21 -17.58 -13.01
CA ARG A 322 -29.37 -16.69 -14.14
C ARG A 322 -28.93 -17.39 -15.41
N PRO A 323 -29.66 -18.45 -15.82
CA PRO A 323 -29.26 -19.28 -16.94
C PRO A 323 -29.23 -18.59 -18.30
N GLN A 324 -29.94 -17.47 -18.46
CA GLN A 324 -30.03 -16.86 -19.78
C GLN A 324 -29.18 -15.59 -19.83
N ALA A 325 -28.20 -15.49 -18.93
CA ALA A 325 -27.33 -14.30 -18.86
C ALA A 325 -26.66 -14.03 -20.21
N LEU A 326 -26.43 -15.06 -21.01
CA LEU A 326 -25.70 -14.87 -22.29
C LEU A 326 -26.69 -14.76 -23.46
N ALA A 327 -27.99 -14.95 -23.18
CA ALA A 327 -29.02 -14.89 -24.24
C ALA A 327 -28.73 -13.74 -25.20
N LEU A 328 -28.69 -12.50 -24.68
CA LEU A 328 -28.45 -11.35 -25.55
C LEU A 328 -27.07 -10.75 -25.23
N ASP A 329 -26.23 -11.46 -24.46
CA ASP A 329 -24.96 -10.92 -23.96
C ASP A 329 -23.87 -11.97 -24.11
N ALA A 330 -23.39 -12.13 -25.34
CA ALA A 330 -22.43 -13.19 -25.60
C ALA A 330 -21.03 -12.76 -25.17
N GLY A 331 -20.79 -11.44 -25.05
CA GLY A 331 -19.51 -10.91 -24.62
C GLY A 331 -19.32 -10.91 -23.09
N LEU A 332 -20.32 -11.35 -22.30
CA LEU A 332 -20.23 -11.23 -20.86
C LEU A 332 -18.96 -11.90 -20.31
N PRO A 333 -18.64 -13.17 -20.67
CA PRO A 333 -17.43 -13.81 -20.16
C PRO A 333 -16.12 -13.06 -20.47
N GLU A 334 -16.10 -12.53 -21.79
CA GLU A 334 -14.91 -11.77 -22.21
C GLU A 334 -14.80 -10.49 -21.37
N ARG A 335 -15.85 -9.81 -21.12
CA ARG A 335 -15.85 -8.55 -20.41
C ARG A 335 -15.51 -8.75 -18.93
N ALA A 336 -16.16 -9.75 -18.32
CA ALA A 336 -15.84 -10.24 -17.00
C ALA A 336 -14.33 -10.45 -16.84
N ALA A 337 -13.70 -11.08 -17.84
CA ALA A 337 -12.27 -11.38 -17.78
C ALA A 337 -11.44 -10.10 -17.83
N ALA A 338 -11.85 -9.14 -18.65
CA ALA A 338 -11.20 -7.85 -18.68
C ALA A 338 -11.31 -7.18 -17.31
N TYR A 339 -12.48 -7.24 -16.67
CA TYR A 339 -12.66 -6.59 -15.38
C TYR A 339 -11.79 -7.27 -14.33
N ALA A 340 -11.65 -8.61 -14.42
CA ALA A 340 -10.77 -9.37 -13.56
C ALA A 340 -9.31 -8.90 -13.69
N GLY A 341 -8.89 -8.61 -14.93
CA GLY A 341 -7.57 -8.07 -15.21
C GLY A 341 -7.36 -6.72 -14.54
N TRP A 342 -8.30 -5.78 -14.76
CA TRP A 342 -8.25 -4.52 -14.07
C TRP A 342 -8.30 -4.71 -12.56
N HIS A 343 -9.12 -5.64 -12.07
CA HIS A 343 -9.25 -5.83 -10.63
C HIS A 343 -7.90 -6.12 -10.00
N MET A 344 -6.99 -6.76 -10.73
CA MET A 344 -5.67 -7.05 -10.19
C MET A 344 -4.86 -5.76 -10.01
N TYR A 345 -4.88 -4.85 -11.00
CA TYR A 345 -4.28 -3.55 -10.79
C TYR A 345 -4.92 -2.82 -9.61
N ASP A 346 -6.24 -2.95 -9.45
CA ASP A 346 -6.97 -2.25 -8.40
C ASP A 346 -6.43 -2.71 -7.05
N ARG A 347 -6.33 -4.02 -6.86
CA ARG A 347 -5.91 -4.59 -5.55
C ARG A 347 -4.43 -4.33 -5.30
N LEU A 348 -3.60 -4.42 -6.34
CA LEU A 348 -2.20 -4.09 -6.22
C LEU A 348 -1.98 -2.66 -5.74
N ILE A 349 -2.65 -1.70 -6.37
CA ILE A 349 -2.54 -0.30 -5.99
C ILE A 349 -3.06 -0.11 -4.57
N ALA A 350 -4.09 -0.85 -4.16
CA ALA A 350 -4.59 -0.68 -2.81
C ALA A 350 -3.61 -1.25 -1.79
N THR A 351 -3.08 -2.47 -2.03
CA THR A 351 -2.18 -3.08 -1.06
C THR A 351 -0.85 -2.32 -0.97
N ALA A 352 -0.48 -1.59 -2.03
CA ALA A 352 0.75 -0.83 -2.10
C ALA A 352 0.71 0.45 -1.23
N GLU A 353 -0.47 0.79 -0.69
CA GLU A 353 -0.67 1.89 0.26
C GLU A 353 0.40 1.88 1.35
N SER A 354 0.73 0.68 1.82
CA SER A 354 1.56 0.55 3.00
C SER A 354 2.98 0.14 2.60
N HIS A 355 3.41 0.52 1.37
CA HIS A 355 4.73 0.22 0.83
C HIS A 355 5.35 1.48 0.23
N ALA A 356 6.69 1.57 0.31
CA ALA A 356 7.42 2.64 -0.35
C ALA A 356 7.91 2.17 -1.71
N THR A 357 8.07 0.85 -1.79
CA THR A 357 8.58 0.25 -3.04
C THR A 357 7.65 -0.85 -3.52
N LEU A 358 7.52 -1.00 -4.83
CA LEU A 358 6.76 -2.04 -5.49
C LEU A 358 7.61 -3.31 -5.62
N ASN A 359 7.39 -4.27 -4.70
CA ASN A 359 8.21 -5.48 -4.64
C ASN A 359 7.99 -6.34 -5.90
N PRO A 360 8.87 -7.31 -6.22
CA PRO A 360 8.78 -8.05 -7.48
C PRO A 360 7.60 -9.04 -7.61
N VAL A 361 6.98 -9.43 -6.48
CA VAL A 361 5.74 -10.20 -6.51
C VAL A 361 4.61 -9.31 -7.03
N ALA A 362 4.56 -8.06 -6.52
CA ALA A 362 3.62 -7.07 -7.01
C ALA A 362 3.76 -6.89 -8.51
N ARG A 363 4.99 -6.79 -9.00
CA ARG A 363 5.23 -6.51 -10.42
C ARG A 363 4.84 -7.70 -11.30
N ALA A 364 4.97 -8.92 -10.77
CA ALA A 364 4.68 -10.13 -11.53
C ALA A 364 3.17 -10.34 -11.59
N ALA A 365 2.53 -10.16 -10.44
CA ALA A 365 1.06 -10.05 -10.40
C ALA A 365 0.55 -9.02 -11.40
N ALA A 366 1.16 -7.82 -11.46
CA ALA A 366 0.69 -6.80 -12.38
C ALA A 366 0.79 -7.30 -13.81
N GLY A 367 1.86 -8.06 -14.11
CA GLY A 367 2.07 -8.64 -15.44
C GLY A 367 0.98 -9.63 -15.84
N ILE A 368 0.45 -10.40 -14.88
CA ILE A 368 -0.66 -11.31 -15.17
C ILE A 368 -1.93 -10.51 -15.41
N GLY A 369 -2.23 -9.51 -14.59
CA GLY A 369 -3.33 -8.58 -14.90
C GLY A 369 -3.33 -8.01 -16.30
N ARG A 370 -2.15 -7.70 -16.84
CA ARG A 370 -2.04 -7.13 -18.20
C ARG A 370 -2.29 -8.25 -19.22
N THR A 371 -1.86 -9.47 -18.94
CA THR A 371 -2.15 -10.58 -19.88
C THR A 371 -3.67 -10.79 -19.96
N VAL A 372 -4.37 -10.71 -18.83
CA VAL A 372 -5.83 -10.96 -18.80
C VAL A 372 -6.58 -9.79 -19.45
N LEU A 373 -6.22 -8.56 -19.12
CA LEU A 373 -6.94 -7.38 -19.65
C LEU A 373 -6.74 -7.29 -21.17
N LEU A 374 -5.53 -7.54 -21.65
CA LEU A 374 -5.22 -7.40 -23.10
C LEU A 374 -5.59 -8.69 -23.84
N GLY A 375 -5.76 -9.79 -23.13
CA GLY A 375 -6.21 -11.05 -23.76
C GLY A 375 -7.43 -11.59 -23.03
N PRO A 376 -8.58 -10.88 -23.04
CA PRO A 376 -9.74 -11.30 -22.26
C PRO A 376 -10.44 -12.56 -22.79
N SER A 377 -10.40 -12.79 -24.09
CA SER A 377 -11.08 -13.95 -24.71
C SER A 377 -10.44 -15.25 -24.23
N ALA A 378 -9.11 -15.31 -24.25
CA ALA A 378 -8.39 -16.52 -23.81
C ALA A 378 -8.55 -16.69 -22.31
N ALA A 379 -8.53 -15.58 -21.56
CA ALA A 379 -8.63 -15.65 -20.09
C ALA A 379 -10.00 -16.19 -19.69
N ALA A 380 -11.05 -15.86 -20.45
CA ALA A 380 -12.41 -16.35 -20.13
C ALA A 380 -12.40 -17.88 -20.18
N ARG A 381 -11.82 -18.46 -21.23
CA ARG A 381 -11.71 -19.94 -21.38
C ARG A 381 -10.91 -20.58 -20.21
N THR A 382 -9.72 -20.09 -19.90
CA THR A 382 -8.85 -20.56 -18.80
C THR A 382 -9.48 -20.29 -17.42
N LEU A 383 -10.23 -19.27 -17.23
CA LEU A 383 -10.81 -18.97 -15.90
C LEU A 383 -12.10 -19.80 -15.72
N GLY A 384 -12.59 -20.43 -16.82
CA GLY A 384 -13.77 -21.28 -16.71
C GLY A 384 -15.06 -20.54 -16.97
N LEU A 385 -14.97 -19.31 -17.52
CA LEU A 385 -16.13 -18.46 -17.72
C LEU A 385 -16.78 -18.75 -19.07
N SER A 386 -16.06 -19.39 -20.00
CA SER A 386 -16.64 -19.79 -21.28
C SER A 386 -17.59 -20.99 -21.13
N ALA A 387 -17.60 -21.64 -19.95
CA ALA A 387 -18.46 -22.80 -19.73
C ALA A 387 -19.90 -22.50 -20.19
N GLU A 388 -20.61 -23.56 -20.60
CA GLU A 388 -22.00 -23.42 -21.03
C GLU A 388 -22.90 -24.19 -20.04
N ALA B 15 43.33 -12.92 21.17
CA ALA B 15 42.40 -12.53 22.26
C ALA B 15 41.95 -11.07 22.10
N SER B 16 41.96 -10.57 20.84
CA SER B 16 41.54 -9.20 20.52
C SER B 16 40.83 -9.15 19.15
N PRO B 17 39.64 -8.50 19.06
CA PRO B 17 38.80 -8.56 17.85
C PRO B 17 39.41 -8.03 16.55
N VAL B 18 40.18 -6.93 16.67
CA VAL B 18 40.88 -6.30 15.56
C VAL B 18 41.99 -7.24 15.07
N ALA B 19 42.65 -7.92 16.03
CA ALA B 19 43.72 -8.88 15.77
C ALA B 19 43.22 -10.02 14.87
N ARG B 20 42.05 -10.57 15.19
CA ARG B 20 41.50 -11.71 14.47
C ARG B 20 40.70 -11.27 13.24
N HIS B 21 40.34 -9.99 13.19
CA HIS B 21 39.55 -9.46 12.05
C HIS B 21 40.16 -8.14 11.57
N ARG B 22 41.16 -8.27 10.65
CA ARG B 22 41.88 -7.06 10.17
C ARG B 22 41.20 -6.54 8.90
N GLY B 23 41.55 -5.29 8.49
CA GLY B 23 40.91 -4.71 7.30
C GLY B 23 39.47 -4.42 7.57
N LEU B 24 39.08 -4.34 8.85
CA LEU B 24 37.64 -4.18 9.17
C LEU B 24 37.46 -3.12 10.25
N ALA B 25 36.52 -2.20 10.03
CA ALA B 25 36.22 -1.18 11.06
C ALA B 25 36.11 -1.86 12.41
N PRO B 26 36.71 -1.31 13.49
CA PRO B 26 36.70 -2.00 14.78
C PRO B 26 35.33 -2.47 15.29
N ARG B 27 34.33 -1.40 15.15
CA ARG B 27 32.96 -1.67 15.68
C ARG B 27 32.44 -2.93 15.01
N LEU B 28 32.74 -3.18 13.82
CA LEU B 28 32.27 -4.24 12.95
C LEU B 28 32.94 -5.55 13.35
N ALA B 29 34.29 -5.53 13.42
CA ALA B 29 35.11 -6.65 13.85
C ALA B 29 34.70 -7.13 15.24
N GLU B 30 34.22 -6.19 16.07
CA GLU B 30 33.74 -6.52 17.40
C GLU B 30 32.43 -7.30 17.29
N ALA B 31 31.52 -6.83 16.42
CA ALA B 31 30.19 -7.40 16.29
C ALA B 31 30.23 -8.77 15.61
N LEU B 32 31.23 -9.02 14.74
CA LEU B 32 31.49 -10.32 14.14
C LEU B 32 31.91 -11.37 15.17
N ASP B 33 32.06 -10.99 16.44
CA ASP B 33 32.33 -11.97 17.48
C ASP B 33 31.01 -12.59 17.95
N ALA B 34 29.88 -11.91 17.71
CA ALA B 34 28.57 -12.41 18.12
C ALA B 34 27.87 -13.16 16.98
N VAL B 35 28.65 -13.64 15.99
CA VAL B 35 28.10 -14.12 14.74
C VAL B 35 28.94 -15.31 14.26
N SER B 36 28.22 -16.42 14.03
CA SER B 36 28.84 -17.70 13.63
C SER B 36 28.04 -18.32 12.47
N VAL B 37 28.73 -18.86 11.49
CA VAL B 37 28.07 -19.56 10.37
C VAL B 37 28.76 -20.93 10.27
N ALA B 38 27.98 -22.00 10.41
CA ALA B 38 28.54 -23.37 10.36
C ALA B 38 28.97 -23.76 8.96
N PRO B 39 29.97 -24.64 8.84
CA PRO B 39 30.38 -25.14 7.54
C PRO B 39 29.18 -25.81 6.84
N GLY B 40 29.00 -25.54 5.54
CA GLY B 40 27.82 -26.05 4.83
C GLY B 40 26.84 -24.92 4.57
N ALA B 41 26.81 -23.92 5.46
CA ALA B 41 25.97 -22.72 5.23
C ALA B 41 24.48 -23.03 5.36
N ARG B 42 24.09 -23.81 6.35
CA ARG B 42 22.65 -24.09 6.59
C ARG B 42 22.29 -23.68 8.01
N ARG B 43 23.29 -23.34 8.82
CA ARG B 43 23.03 -22.88 10.21
C ARG B 43 23.92 -21.68 10.54
N ALA B 44 23.47 -20.81 11.45
CA ALA B 44 24.23 -19.63 11.84
C ALA B 44 23.71 -19.13 13.19
N SER B 45 24.59 -18.45 13.96
CA SER B 45 24.19 -17.85 15.26
C SER B 45 24.45 -16.34 15.22
N VAL B 46 23.54 -15.54 15.75
CA VAL B 46 23.59 -14.09 15.69
C VAL B 46 23.07 -13.58 17.03
N ALA B 47 24.01 -13.24 17.93
CA ALA B 47 23.71 -12.80 19.28
C ALA B 47 23.01 -13.90 20.06
N GLY B 48 23.48 -15.15 19.88
CA GLY B 48 22.93 -16.31 20.57
C GLY B 48 21.47 -16.61 20.20
N ARG B 49 20.99 -16.03 19.09
CA ARG B 49 19.76 -16.46 18.44
C ARG B 49 20.14 -17.28 17.22
N THR B 50 19.68 -18.54 17.15
CA THR B 50 20.02 -19.39 16.02
C THR B 50 18.99 -19.20 14.90
N VAL B 51 19.47 -19.41 13.67
CA VAL B 51 18.70 -19.22 12.46
C VAL B 51 19.05 -20.38 11.52
N THR B 52 18.00 -21.00 10.96
CA THR B 52 18.12 -22.29 10.30
C THR B 52 17.54 -22.20 8.89
N ALA B 53 18.13 -22.94 7.94
CA ALA B 53 17.68 -22.93 6.56
C ALA B 53 18.02 -24.27 5.89
N ASP B 54 17.48 -24.48 4.68
CA ASP B 54 17.56 -25.77 4.02
C ASP B 54 18.51 -25.70 2.83
N SER B 55 18.97 -24.49 2.48
CA SER B 55 20.12 -24.34 1.60
C SER B 55 21.00 -23.17 2.05
N PRO B 56 22.21 -23.02 1.47
CA PRO B 56 22.97 -21.76 1.58
C PRO B 56 22.12 -20.56 1.18
N ARG B 57 21.57 -20.62 -0.04
CA ARG B 57 20.78 -19.56 -0.65
C ARG B 57 19.66 -19.08 0.26
N ASP B 58 19.03 -19.99 1.00
CA ASP B 58 17.93 -19.63 1.89
C ASP B 58 18.47 -19.04 3.20
N LEU B 59 19.70 -19.42 3.59
CA LEU B 59 20.33 -18.83 4.77
C LEU B 59 20.81 -17.42 4.46
N ARG B 60 21.25 -17.16 3.22
CA ARG B 60 21.66 -15.81 2.83
C ARG B 60 20.59 -14.81 3.24
N GLY B 61 19.31 -15.16 3.01
CA GLY B 61 18.20 -14.25 3.25
C GLY B 61 17.91 -14.11 4.74
N ARG B 62 17.98 -15.22 5.47
CA ARG B 62 17.55 -15.25 6.86
C ARG B 62 18.63 -14.64 7.75
N LEU B 63 19.89 -14.72 7.28
CA LEU B 63 21.03 -14.12 7.95
C LEU B 63 21.00 -12.60 7.81
N THR B 64 20.88 -12.13 6.55
CA THR B 64 20.70 -10.72 6.26
C THR B 64 19.65 -10.11 7.18
N ASN B 65 18.56 -10.84 7.41
CA ASN B 65 17.50 -10.28 8.23
C ASN B 65 17.91 -10.28 9.69
N ALA B 66 18.71 -11.27 10.10
CA ALA B 66 19.09 -11.38 11.50
C ALA B 66 20.16 -10.34 11.83
N LEU B 67 21.13 -10.18 10.91
CA LEU B 67 22.15 -9.13 10.98
C LEU B 67 21.48 -7.77 10.99
N TYR B 68 20.63 -7.51 9.98
CA TYR B 68 19.97 -6.23 9.90
C TYR B 68 19.28 -5.90 11.22
N GLU B 69 18.68 -6.89 11.87
CA GLU B 69 17.89 -6.59 13.10
C GLU B 69 18.79 -6.35 14.30
N GLU B 70 19.92 -7.06 14.39
CA GLU B 70 20.76 -6.95 15.60
C GLU B 70 21.80 -5.84 15.44
N LEU B 71 22.31 -5.64 14.23
CA LEU B 71 23.42 -4.66 14.05
C LEU B 71 22.92 -3.29 13.60
N HIS B 72 21.95 -3.24 12.68
CA HIS B 72 21.55 -1.94 12.13
C HIS B 72 20.40 -1.31 12.92
N ALA B 73 19.47 -2.14 13.42
CA ALA B 73 18.22 -1.65 13.95
C ALA B 73 18.09 -1.95 15.45
N GLY B 74 18.45 -3.16 15.89
CA GLY B 74 18.21 -3.60 17.27
C GLY B 74 16.85 -4.27 17.47
N ARG B 75 16.21 -4.00 18.61
CA ARG B 75 14.83 -4.41 18.92
C ARG B 75 14.85 -5.58 19.92
N LEU B 91 -1.00 3.04 11.78
CA LEU B 91 -1.73 4.26 12.20
C LEU B 91 -1.04 5.47 11.61
N ARG B 92 -1.60 6.65 11.87
CA ARG B 92 -1.00 7.93 11.52
C ARG B 92 -1.66 9.00 12.40
N ASP B 93 -1.41 8.92 13.70
CA ASP B 93 -2.08 9.78 14.66
C ASP B 93 -2.15 11.19 14.10
N PRO B 94 -3.37 11.78 13.93
CA PRO B 94 -3.52 13.13 13.40
C PRO B 94 -2.92 14.25 14.28
N ALA B 95 -3.09 14.12 15.61
CA ALA B 95 -2.52 15.05 16.58
C ALA B 95 -1.03 15.22 16.33
N LEU B 96 -0.33 14.08 16.29
CA LEU B 96 1.10 14.05 16.02
C LEU B 96 1.37 14.70 14.67
N GLU B 97 0.61 14.31 13.64
CA GLU B 97 0.83 14.84 12.31
C GLU B 97 0.71 16.36 12.31
N ALA B 98 -0.33 16.89 12.97
CA ALA B 98 -0.49 18.33 13.13
C ALA B 98 0.74 18.91 13.81
N ARG B 99 1.12 18.31 14.96
CA ARG B 99 2.29 18.74 15.71
C ARG B 99 3.52 18.67 14.80
N LEU B 100 3.60 17.61 13.99
CA LEU B 100 4.73 17.38 13.10
C LEU B 100 4.65 18.32 11.90
N ALA B 101 3.42 18.54 11.40
CA ALA B 101 3.20 19.37 10.22
C ALA B 101 3.44 20.85 10.56
N ALA B 102 3.00 21.27 11.75
CA ALA B 102 3.14 22.62 12.24
C ALA B 102 4.61 22.99 12.50
N ALA B 103 5.49 21.99 12.56
CA ALA B 103 6.90 22.20 12.86
C ALA B 103 7.72 22.48 11.60
N VAL B 104 7.09 22.88 10.49
CA VAL B 104 7.82 22.99 9.24
C VAL B 104 7.97 24.47 8.90
N PRO B 105 9.19 24.93 8.54
CA PRO B 105 9.43 26.31 8.12
C PRO B 105 8.70 26.73 6.83
N HIS B 106 9.04 26.05 5.73
CA HIS B 106 8.54 26.37 4.40
C HIS B 106 7.20 25.67 4.15
N ARG B 107 6.58 25.95 3.01
CA ARG B 107 5.31 25.33 2.67
C ARG B 107 5.29 24.79 1.23
N THR B 108 6.41 24.87 0.50
CA THR B 108 6.39 24.72 -0.95
C THR B 108 7.78 24.41 -1.49
N THR B 109 7.82 23.72 -2.64
CA THR B 109 9.08 23.31 -3.26
C THR B 109 8.98 23.40 -4.77
N PRO B 110 9.93 24.08 -5.46
CA PRO B 110 9.88 24.23 -6.92
C PRO B 110 10.22 22.96 -7.71
N THR B 111 9.17 22.40 -8.31
CA THR B 111 9.21 21.11 -8.96
C THR B 111 9.00 21.29 -10.46
N ARG B 112 9.94 20.79 -11.26
CA ARG B 112 9.94 20.88 -12.71
C ARG B 112 9.13 19.71 -13.29
N GLY B 113 8.77 19.83 -14.59
CA GLY B 113 8.25 18.74 -15.41
C GLY B 113 7.71 19.25 -16.75
N ARG B 114 7.71 18.39 -17.80
CA ARG B 114 7.20 18.75 -19.12
C ARG B 114 5.67 18.90 -19.04
N LEU B 115 5.14 20.00 -19.60
CA LEU B 115 3.70 20.21 -19.69
C LEU B 115 3.14 19.32 -20.79
N VAL B 116 1.92 18.81 -20.55
CA VAL B 116 1.24 17.96 -21.51
C VAL B 116 0.13 18.77 -22.21
N GLU B 117 -0.66 19.50 -21.39
CA GLU B 117 -1.96 19.99 -21.79
C GLU B 117 -2.41 21.04 -20.78
N VAL B 118 -3.24 22.00 -21.24
CA VAL B 118 -3.93 22.93 -20.35
C VAL B 118 -5.43 22.62 -20.40
N LEU B 119 -6.10 22.72 -19.26
CA LEU B 119 -7.50 22.37 -19.15
C LEU B 119 -8.27 23.61 -18.69
N ARG B 120 -8.98 24.24 -19.63
CA ARG B 120 -9.78 25.41 -19.32
C ARG B 120 -11.03 24.93 -18.56
N ARG B 121 -11.25 25.48 -17.38
CA ARG B 121 -12.42 25.15 -16.59
C ARG B 121 -12.93 26.45 -15.98
N PRO B 122 -14.27 26.65 -15.88
CA PRO B 122 -14.81 27.83 -15.19
C PRO B 122 -14.63 27.69 -13.68
N ASP B 123 -14.47 26.44 -13.21
CA ASP B 123 -14.18 26.13 -11.82
C ASP B 123 -12.77 26.62 -11.47
N GLY B 124 -11.85 26.66 -12.45
CA GLY B 124 -10.45 26.99 -12.23
C GLY B 124 -9.54 26.12 -13.12
N ASP B 125 -8.70 26.78 -13.94
CA ASP B 125 -7.84 26.11 -14.91
C ASP B 125 -6.87 25.14 -14.24
N GLN B 126 -6.26 24.28 -15.07
CA GLN B 126 -5.43 23.18 -14.59
C GLN B 126 -4.37 22.81 -15.61
N LEU B 127 -3.20 22.43 -15.09
CA LEU B 127 -2.10 21.96 -15.90
C LEU B 127 -1.99 20.45 -15.73
N VAL B 128 -1.91 19.76 -16.86
CA VAL B 128 -1.54 18.35 -16.87
C VAL B 128 -0.05 18.30 -17.11
N VAL B 129 0.69 17.88 -16.07
CA VAL B 129 2.15 17.90 -16.07
C VAL B 129 2.69 16.49 -15.84
N ARG B 130 3.61 16.08 -16.70
CA ARG B 130 4.41 14.89 -16.43
C ARG B 130 5.52 15.26 -15.45
N LEU B 131 5.24 15.07 -14.15
CA LEU B 131 6.29 14.99 -13.16
C LEU B 131 7.15 13.74 -13.41
N PRO B 132 8.30 13.58 -12.73
CA PRO B 132 9.15 12.40 -12.96
C PRO B 132 8.61 11.09 -12.40
N GLU B 133 7.77 11.26 -11.30
CA GLU B 133 7.19 10.09 -10.62
C GLU B 133 5.80 9.77 -11.21
N VAL B 134 5.11 10.77 -11.77
CA VAL B 134 3.72 10.53 -12.25
C VAL B 134 3.20 11.70 -13.08
N THR B 135 2.17 11.47 -13.88
CA THR B 135 1.53 12.56 -14.59
C THR B 135 0.34 13.04 -13.76
N ALA B 136 0.27 14.36 -13.52
CA ALA B 136 -0.63 14.91 -12.53
C ALA B 136 -1.37 16.13 -13.08
N ARG B 137 -2.44 16.48 -12.36
CA ARG B 137 -3.35 17.57 -12.69
C ARG B 137 -3.18 18.65 -11.63
N VAL B 138 -2.44 19.69 -11.97
CA VAL B 138 -2.12 20.73 -10.93
C VAL B 138 -2.84 22.03 -11.25
N PRO B 139 -3.47 22.69 -10.26
CA PRO B 139 -4.06 24.01 -10.49
C PRO B 139 -2.99 24.89 -11.16
N ALA B 140 -3.36 25.66 -12.18
CA ALA B 140 -2.37 26.45 -12.95
C ALA B 140 -1.83 27.61 -12.12
N ASP B 141 -2.42 27.87 -10.96
CA ASP B 141 -1.97 28.98 -10.10
C ASP B 141 -0.72 28.60 -9.30
N ARG B 142 -0.06 27.48 -9.66
CA ARG B 142 1.06 26.96 -8.89
C ARG B 142 2.19 27.01 -9.90
N LEU B 143 1.90 27.60 -11.06
CA LEU B 143 3.02 27.80 -12.02
C LEU B 143 3.96 28.94 -11.55
N LEU B 144 5.27 28.84 -11.89
CA LEU B 144 6.23 29.86 -11.39
C LEU B 144 7.20 30.21 -12.51
N SER B 145 7.30 29.40 -13.53
CA SER B 145 8.33 29.62 -14.55
C SER B 145 8.09 28.71 -15.76
N PRO B 146 7.84 29.25 -16.97
CA PRO B 146 7.35 30.62 -17.16
C PRO B 146 6.08 30.87 -16.34
N SER B 147 5.66 32.14 -16.28
CA SER B 147 4.42 32.51 -15.54
C SER B 147 3.24 32.44 -16.50
N VAL B 148 3.52 32.25 -17.79
CA VAL B 148 2.42 32.08 -18.79
C VAL B 148 2.48 30.64 -19.29
N PRO B 149 1.47 29.78 -19.02
CA PRO B 149 1.54 28.36 -19.40
C PRO B 149 2.11 28.23 -20.82
N PRO B 150 3.25 27.54 -21.02
CA PRO B 150 3.89 27.43 -22.33
C PRO B 150 3.25 26.32 -23.18
N ALA B 151 3.85 26.01 -24.33
CA ALA B 151 3.32 24.96 -25.22
C ALA B 151 3.51 23.59 -24.56
N PRO B 152 2.78 22.53 -24.98
CA PRO B 152 2.97 21.18 -24.43
C PRO B 152 4.42 20.72 -24.68
N GLY B 153 4.97 19.94 -23.75
CA GLY B 153 6.37 19.49 -23.87
C GLY B 153 7.32 20.49 -23.22
N GLU B 154 6.96 21.78 -23.25
CA GLU B 154 7.81 22.80 -22.66
C GLU B 154 7.86 22.64 -21.13
N THR B 155 9.09 22.50 -20.62
CA THR B 155 9.34 22.47 -19.19
C THR B 155 8.64 23.62 -18.47
N VAL B 156 8.16 23.31 -17.27
CA VAL B 156 7.46 24.24 -16.40
C VAL B 156 7.92 23.95 -14.97
N GLU B 157 7.78 24.93 -14.07
CA GLU B 157 8.20 24.78 -12.68
C GLU B 157 6.99 25.17 -11.85
N LEU B 158 6.61 24.16 -10.98
CA LEU B 158 5.37 24.37 -10.22
C LEU B 158 5.74 24.51 -8.76
N ALA B 159 4.78 25.05 -7.99
CA ALA B 159 5.02 25.19 -6.55
C ALA B 159 4.13 24.18 -5.85
N LEU B 160 4.73 23.10 -5.36
CA LEU B 160 3.92 22.02 -4.72
C LEU B 160 4.21 21.89 -3.23
N GLU B 161 3.24 21.41 -2.48
CA GLU B 161 3.39 21.22 -1.01
C GLU B 161 4.67 20.45 -0.67
N ALA B 162 5.35 20.84 0.41
CA ALA B 162 6.63 20.23 0.84
C ALA B 162 6.30 19.05 1.76
N ALA B 163 5.21 19.19 2.49
CA ALA B 163 4.76 18.10 3.36
C ALA B 163 3.95 17.07 2.55
N ARG B 164 4.42 15.84 2.54
CA ARG B 164 3.77 14.68 1.95
C ARG B 164 3.58 13.64 3.04
N PRO B 165 2.50 13.71 3.85
CA PRO B 165 2.27 12.75 4.93
C PRO B 165 2.00 11.27 4.65
N ALA B 166 1.77 10.89 3.39
CA ALA B 166 1.39 9.51 3.10
C ALA B 166 2.43 8.82 2.21
N LEU B 167 3.39 9.60 1.68
CA LEU B 167 4.33 9.14 0.67
C LEU B 167 5.25 8.02 1.21
N SER B 168 5.56 8.06 2.51
CA SER B 168 6.41 7.03 3.09
C SER B 168 5.64 6.35 4.23
N PRO B 169 5.08 5.15 4.01
CA PRO B 169 4.21 4.53 5.01
C PRO B 169 4.91 4.42 6.36
N GLY B 170 4.20 4.84 7.42
CA GLY B 170 4.74 4.90 8.77
C GLY B 170 5.33 6.27 9.13
N PHE B 171 5.45 7.17 8.14
CA PHE B 171 6.29 8.37 8.20
C PHE B 171 5.59 9.59 7.61
N PHE B 172 5.69 10.69 8.34
CA PHE B 172 5.48 12.01 7.80
C PHE B 172 6.78 12.42 7.14
N TYR B 173 6.70 13.05 5.96
CA TYR B 173 7.82 13.24 5.04
C TYR B 173 7.77 14.66 4.46
N VAL B 174 8.93 15.28 4.27
CA VAL B 174 9.00 16.65 3.79
C VAL B 174 10.19 16.80 2.87
N MET B 175 10.06 17.68 1.87
CA MET B 175 11.16 17.99 0.96
C MET B 175 11.70 19.40 1.23
N GLY B 176 13.00 19.59 0.95
CA GLY B 176 13.62 20.88 1.14
C GLY B 176 12.93 21.94 0.28
N SER B 177 12.96 23.20 0.75
CA SER B 177 12.47 24.34 -0.01
C SER B 177 13.31 24.57 -1.26
N ARG B 178 14.53 24.05 -1.24
CA ARG B 178 15.44 24.30 -2.38
C ARG B 178 15.43 23.07 -3.30
N PRO B 179 15.40 23.26 -4.63
CA PRO B 179 15.43 22.14 -5.56
C PRO B 179 16.70 21.30 -5.36
N LEU B 180 16.55 19.98 -5.29
CA LEU B 180 17.72 19.09 -5.14
C LEU B 180 18.56 19.17 -6.41
N PRO B 181 19.83 18.74 -6.39
CA PRO B 181 20.70 18.85 -7.55
C PRO B 181 20.12 18.15 -8.78
N ARG B 182 20.66 18.47 -9.96
CA ARG B 182 20.15 17.87 -11.22
C ARG B 182 20.14 16.34 -11.11
N PRO B 183 21.28 15.67 -10.87
CA PRO B 183 21.32 14.22 -10.84
C PRO B 183 21.17 13.70 -9.41
N ALA B 184 20.96 14.59 -8.45
CA ALA B 184 20.86 14.18 -7.02
C ALA B 184 22.23 13.72 -6.54
N GLY B 185 22.84 12.76 -7.25
CA GLY B 185 24.19 12.30 -6.92
C GLY B 185 24.28 11.62 -5.56
N ALA B 186 25.35 11.87 -4.81
CA ALA B 186 25.55 11.21 -3.51
C ALA B 186 24.57 11.77 -2.48
N VAL B 187 24.29 10.99 -1.44
CA VAL B 187 23.31 11.40 -0.44
C VAL B 187 23.77 11.00 0.97
N ARG B 188 23.73 11.96 1.89
CA ARG B 188 24.16 11.77 3.25
C ARG B 188 22.92 11.54 4.11
N ARG B 189 22.80 10.36 4.71
CA ARG B 189 21.68 10.09 5.61
C ARG B 189 22.12 10.42 7.03
N ILE B 190 21.17 10.91 7.85
CA ILE B 190 21.40 11.19 9.26
C ILE B 190 20.22 10.58 10.01
N PHE B 191 20.67 9.62 10.95
CA PHE B 191 19.65 8.88 11.73
C PHE B 191 19.58 9.47 13.14
N LEU B 192 18.28 9.78 13.58
CA LEU B 192 18.17 10.32 14.96
C LEU B 192 17.28 9.39 15.79
N HIS B 193 17.87 8.62 16.69
CA HIS B 193 17.04 7.81 17.61
C HIS B 193 16.07 8.77 18.28
N ALA B 194 14.97 8.27 18.82
CA ALA B 194 13.96 9.13 19.44
C ALA B 194 13.16 8.20 20.33
N ARG B 195 13.07 8.54 21.62
CA ARG B 195 12.39 7.66 22.58
C ARG B 195 10.91 7.65 22.30
N ASP B 196 10.37 8.80 21.91
CA ASP B 196 8.92 8.86 21.73
C ASP B 196 8.51 10.01 20.81
N ALA B 197 7.19 10.10 20.60
CA ALA B 197 6.54 11.17 19.85
C ALA B 197 7.08 12.52 20.28
N ASP B 198 6.97 12.82 21.58
CA ASP B 198 7.38 14.09 22.17
C ASP B 198 8.83 14.38 21.79
N ALA B 199 9.71 13.40 22.00
CA ALA B 199 11.10 13.50 21.59
C ALA B 199 11.16 13.97 20.14
N ALA B 200 10.43 13.23 19.27
CA ALA B 200 10.51 13.35 17.83
C ALA B 200 10.09 14.74 17.37
N VAL B 201 8.95 15.22 17.89
CA VAL B 201 8.41 16.54 17.59
C VAL B 201 9.54 17.58 17.67
N VAL B 202 10.22 17.58 18.82
CA VAL B 202 11.21 18.60 19.14
C VAL B 202 12.45 18.41 18.26
N LEU B 203 12.85 17.14 18.05
CA LEU B 203 14.01 16.84 17.22
C LEU B 203 13.73 17.23 15.78
N TRP B 204 12.49 16.97 15.34
CA TRP B 204 11.97 17.34 14.03
C TRP B 204 12.07 18.85 13.83
N GLY B 205 11.31 19.62 14.63
CA GLY B 205 11.33 21.07 14.59
C GLY B 205 12.76 21.62 14.57
N ALA B 206 13.55 21.17 15.56
CA ALA B 206 14.96 21.51 15.69
C ALA B 206 15.73 21.26 14.39
N ALA B 207 15.63 20.05 13.84
CA ALA B 207 16.47 19.64 12.72
C ALA B 207 16.12 20.41 11.45
N LEU B 208 14.81 20.63 11.22
CA LEU B 208 14.32 21.32 10.03
C LEU B 208 14.59 22.83 10.12
N GLY B 209 14.24 23.44 11.27
CA GLY B 209 14.74 24.76 11.62
C GLY B 209 16.22 24.95 11.23
N ALA B 210 17.07 24.02 11.68
CA ALA B 210 18.50 24.10 11.43
C ALA B 210 18.81 23.97 9.93
N LEU B 211 18.05 23.11 9.24
CA LEU B 211 18.39 22.70 7.89
C LEU B 211 18.03 23.76 6.85
N GLU B 212 16.95 24.51 7.10
CA GLU B 212 16.53 25.59 6.21
C GLU B 212 17.45 26.81 6.39
N GLU B 213 17.84 27.10 7.64
CA GLU B 213 18.75 28.20 7.94
C GLU B 213 20.07 28.00 7.20
N ALA B 214 20.57 26.77 7.15
CA ALA B 214 21.84 26.48 6.49
C ALA B 214 21.65 26.37 4.97
N ALA B 215 20.39 26.49 4.52
CA ALA B 215 19.97 26.26 3.14
C ALA B 215 20.51 24.94 2.59
N ALA B 216 20.09 23.82 3.20
CA ALA B 216 20.52 22.49 2.76
C ALA B 216 19.64 22.01 1.62
N LEU B 217 20.24 21.29 0.65
CA LEU B 217 19.50 20.58 -0.39
C LEU B 217 19.09 19.19 0.09
N TYR B 218 17.92 19.09 0.76
CA TYR B 218 17.59 17.87 1.47
C TYR B 218 16.14 17.39 1.26
N HIS B 219 15.87 16.12 1.62
CA HIS B 219 14.54 15.68 2.05
C HIS B 219 14.64 15.20 3.51
N ALA B 220 13.53 14.81 4.10
CA ALA B 220 13.55 14.38 5.49
C ALA B 220 12.23 13.71 5.83
N LYS B 221 12.18 12.91 6.91
CA LYS B 221 10.95 12.24 7.37
C LYS B 221 11.04 11.89 8.84
N VAL B 222 9.91 11.54 9.46
CA VAL B 222 9.84 11.24 10.88
C VAL B 222 8.61 10.40 11.18
N LEU B 223 8.81 9.29 11.91
CA LEU B 223 7.74 8.43 12.39
C LEU B 223 6.52 9.23 12.82
N SER B 224 5.35 8.86 12.27
CA SER B 224 4.09 9.54 12.57
C SER B 224 3.15 8.58 13.31
N ASP B 225 3.66 7.41 13.72
CA ASP B 225 2.88 6.46 14.50
C ASP B 225 3.42 6.40 15.92
N PRO B 226 2.65 6.83 16.96
CA PRO B 226 3.18 6.99 18.32
C PRO B 226 3.60 5.69 19.01
N GLN B 227 2.92 4.59 18.69
CA GLN B 227 3.16 3.32 19.36
C GLN B 227 4.20 2.50 18.59
N ASP B 228 5.04 3.19 17.81
CA ASP B 228 6.10 2.49 17.01
C ASP B 228 7.48 2.94 17.52
N PHE B 229 7.54 3.98 18.34
CA PHE B 229 8.82 4.41 18.96
C PHE B 229 9.16 3.42 20.07
N PRO B 230 10.44 3.13 20.37
CA PRO B 230 11.57 3.93 19.91
C PRO B 230 12.25 3.34 18.67
N ARG B 231 13.06 4.13 17.97
CA ARG B 231 13.71 3.64 16.73
C ARG B 231 14.97 4.44 16.40
N ARG B 232 16.02 3.76 15.96
CA ARG B 232 17.27 4.39 15.59
C ARG B 232 17.08 5.35 14.41
N ASP B 233 16.09 5.08 13.57
CA ASP B 233 15.87 5.88 12.38
C ASP B 233 14.52 6.57 12.46
N ALA B 234 14.08 6.89 13.68
CA ALA B 234 12.82 7.60 13.89
C ALA B 234 12.81 8.89 13.08
N VAL B 235 13.99 9.47 12.84
CA VAL B 235 14.10 10.61 11.94
C VAL B 235 15.22 10.36 10.95
N VAL B 236 15.00 10.64 9.67
CA VAL B 236 16.03 10.45 8.68
C VAL B 236 16.08 11.74 7.88
N LEU B 237 17.27 12.12 7.41
CA LEU B 237 17.49 13.36 6.69
C LEU B 237 18.42 13.02 5.53
N TYR B 238 18.04 13.37 4.31
CA TYR B 238 18.81 13.03 3.13
C TYR B 238 19.33 14.32 2.52
N LEU B 239 20.65 14.41 2.34
CA LEU B 239 21.32 15.67 2.10
C LEU B 239 22.16 15.52 0.84
N HIS B 240 22.09 16.51 -0.08
CA HIS B 240 22.71 16.40 -1.40
C HIS B 240 23.78 17.47 -1.64
N GLY B 241 24.62 17.25 -2.65
CA GLY B 241 25.68 18.23 -2.97
C GLY B 241 26.72 18.36 -1.88
N ASP B 242 26.63 19.40 -1.05
CA ASP B 242 27.56 19.55 0.10
C ASP B 242 26.76 19.33 1.38
N HIS B 243 27.13 18.35 2.20
CA HIS B 243 26.35 18.03 3.42
C HIS B 243 26.90 18.74 4.65
N ARG B 244 28.17 19.14 4.62
CA ARG B 244 28.83 19.75 5.82
C ARG B 244 27.95 20.84 6.45
N PRO B 245 27.60 21.93 5.74
CA PRO B 245 26.85 23.03 6.37
C PRO B 245 25.65 22.51 7.13
N GLY B 246 24.83 21.70 6.43
CA GLY B 246 23.62 21.10 6.97
C GLY B 246 23.92 20.14 8.12
N GLU B 247 24.95 19.33 7.95
CA GLU B 247 25.35 18.37 8.98
C GLU B 247 25.80 19.12 10.23
N ARG B 248 26.82 19.99 10.07
CA ARG B 248 27.32 20.85 11.14
C ARG B 248 26.13 21.51 11.82
N ALA B 249 25.18 21.98 11.00
CA ALA B 249 24.05 22.74 11.51
C ALA B 249 23.11 21.86 12.33
N VAL B 250 22.84 20.63 11.87
CA VAL B 250 21.91 19.76 12.55
C VAL B 250 22.53 19.24 13.84
N THR B 251 23.82 18.82 13.77
CA THR B 251 24.62 18.46 14.93
C THR B 251 24.38 19.42 16.11
N GLU B 252 24.66 20.71 15.86
CA GLU B 252 24.67 21.71 16.91
C GLU B 252 23.27 21.90 17.49
N ALA B 253 22.25 21.80 16.64
CA ALA B 253 20.87 22.01 17.04
C ALA B 253 20.36 20.90 17.97
N VAL B 254 21.01 19.72 17.94
CA VAL B 254 20.51 18.54 18.66
C VAL B 254 21.45 18.07 19.77
N SER B 255 22.71 18.55 19.78
CA SER B 255 23.67 18.32 20.87
C SER B 255 22.97 18.31 22.22
N ARG B 256 22.27 19.42 22.53
CA ARG B 256 21.56 19.61 23.79
C ARG B 256 20.78 18.35 24.21
N TYR B 257 20.15 17.67 23.25
CA TYR B 257 19.12 16.68 23.55
C TYR B 257 19.65 15.24 23.59
N ALA B 258 20.78 14.98 22.92
CA ALA B 258 21.34 13.64 22.85
C ALA B 258 21.28 12.96 24.22
N GLY B 259 21.06 11.64 24.20
CA GLY B 259 21.02 10.84 25.40
C GLY B 259 19.61 10.70 25.99
N THR B 260 18.94 11.84 26.23
CA THR B 260 17.66 11.86 26.95
C THR B 260 16.50 11.77 25.96
N LEU B 261 16.46 12.74 25.03
CA LEU B 261 15.45 12.77 23.98
C LEU B 261 15.78 11.78 22.88
N THR B 262 17.07 11.54 22.61
CA THR B 262 17.45 10.42 21.77
C THR B 262 17.72 9.21 22.67
N GLY B 263 18.06 8.09 22.05
CA GLY B 263 18.62 6.93 22.72
C GLY B 263 20.11 6.80 22.41
N PRO B 264 20.94 6.30 23.35
CA PRO B 264 22.38 6.15 23.14
C PRO B 264 22.89 5.48 21.86
N ASP B 265 22.26 4.36 21.50
CA ASP B 265 22.90 3.38 20.64
C ASP B 265 22.55 3.65 19.18
N THR B 266 23.50 3.26 18.29
CA THR B 266 23.38 3.48 16.86
C THR B 266 23.87 2.28 16.05
N SER B 267 23.44 2.23 14.80
CA SER B 267 23.85 1.20 13.84
C SER B 267 25.38 1.10 13.76
N VAL B 268 25.86 -0.13 13.65
CA VAL B 268 27.27 -0.48 13.60
C VAL B 268 27.84 -0.15 12.22
N PHE B 269 26.96 0.11 11.25
CA PHE B 269 27.36 0.45 9.91
C PHE B 269 27.58 1.96 9.79
N THR B 270 27.02 2.69 10.74
CA THR B 270 27.04 4.16 10.67
C THR B 270 28.09 4.83 11.56
N GLU B 271 28.42 6.08 11.23
CA GLU B 271 29.35 6.93 11.97
C GLU B 271 28.57 7.71 12.98
N GLU B 272 28.82 7.49 14.25
CA GLU B 272 28.10 8.23 15.32
C GLU B 272 28.60 9.66 15.35
N LEU B 273 27.72 10.60 15.68
CA LEU B 273 28.11 12.03 15.79
C LEU B 273 27.67 12.47 17.17
N ALA B 274 26.80 11.70 17.80
CA ALA B 274 26.32 12.01 19.16
C ALA B 274 25.45 10.86 19.65
N PRO B 275 25.09 10.80 20.95
CA PRO B 275 24.18 9.76 21.42
C PRO B 275 22.88 9.80 20.61
N GLY B 276 22.59 8.74 19.85
CA GLY B 276 21.34 8.68 19.08
C GLY B 276 21.46 9.33 17.72
N VAL B 277 22.61 9.91 17.41
CA VAL B 277 22.78 10.65 16.13
C VAL B 277 23.90 9.98 15.32
N ALA B 278 23.54 9.38 14.20
CA ALA B 278 24.54 8.70 13.34
C ALA B 278 24.34 9.17 11.90
N ALA B 279 25.19 8.70 10.99
CA ALA B 279 25.11 9.16 9.60
C ALA B 279 25.85 8.19 8.67
N ALA B 280 25.64 8.34 7.37
CA ALA B 280 26.26 7.45 6.39
C ALA B 280 25.82 7.82 4.98
N TRP B 281 26.45 7.21 3.98
CA TRP B 281 26.15 7.54 2.57
C TRP B 281 25.25 6.48 1.93
N ASP B 282 24.36 6.90 1.03
CA ASP B 282 23.48 5.94 0.31
C ASP B 282 24.38 4.95 -0.43
N PRO B 283 23.95 3.69 -0.64
CA PRO B 283 24.82 2.68 -1.26
C PRO B 283 25.15 2.84 -2.75
N GLN B 284 26.44 2.99 -3.08
CA GLN B 284 26.86 2.98 -4.50
C GLN B 284 27.37 1.56 -4.73
N ASP B 285 26.96 0.90 -5.81
CA ASP B 285 27.31 -0.50 -5.92
C ASP B 285 27.72 -0.78 -7.35
N PRO B 286 28.97 -1.26 -7.60
CA PRO B 286 29.45 -1.47 -8.96
C PRO B 286 28.87 -2.72 -9.65
N ARG B 287 28.10 -3.54 -8.96
CA ARG B 287 27.57 -4.79 -9.54
C ARG B 287 26.12 -4.61 -9.98
N PRO B 288 25.74 -4.96 -11.20
CA PRO B 288 24.34 -4.89 -11.67
C PRO B 288 23.42 -5.95 -11.06
N GLY B 289 22.13 -5.64 -10.95
CA GLY B 289 21.17 -6.57 -10.38
C GLY B 289 21.31 -6.57 -8.88
N GLN B 290 22.54 -6.77 -8.42
CA GLN B 290 22.80 -6.79 -6.99
C GLN B 290 23.11 -5.35 -6.53
N SER B 291 22.06 -4.51 -6.45
CA SER B 291 22.18 -3.09 -6.18
C SER B 291 20.80 -2.46 -5.97
N GLY B 292 20.77 -1.22 -5.46
CA GLY B 292 19.54 -0.50 -5.22
C GLY B 292 18.73 -1.08 -4.05
N MET B 293 19.37 -1.12 -2.86
CA MET B 293 18.74 -1.52 -1.60
C MET B 293 18.79 -0.33 -0.63
N SER B 294 18.15 -0.46 0.54
CA SER B 294 18.33 0.53 1.60
C SER B 294 19.68 0.28 2.28
N PHE B 295 20.24 1.31 2.92
CA PHE B 295 21.60 1.27 3.44
C PHE B 295 21.80 0.08 4.40
N GLY B 296 20.93 -0.04 5.40
CA GLY B 296 20.95 -1.18 6.32
C GLY B 296 20.98 -2.54 5.62
N GLN B 297 19.92 -2.85 4.87
CA GLN B 297 19.79 -4.11 4.16
C GLN B 297 20.97 -4.32 3.21
N HIS B 298 21.54 -3.27 2.63
CA HIS B 298 22.63 -3.42 1.66
C HIS B 298 23.87 -3.99 2.34
N ARG B 299 24.19 -3.39 3.49
CA ARG B 299 25.38 -3.74 4.25
C ARG B 299 25.20 -5.15 4.81
N ALA B 300 24.12 -5.33 5.58
CA ALA B 300 23.75 -6.65 6.10
C ALA B 300 23.79 -7.70 4.99
N PHE B 301 23.36 -7.35 3.77
CA PHE B 301 23.39 -8.31 2.67
C PHE B 301 24.83 -8.67 2.33
N ALA B 302 25.70 -7.65 2.16
CA ALA B 302 27.10 -7.89 1.79
C ALA B 302 27.84 -8.65 2.90
N LEU B 303 27.49 -8.30 4.13
CA LEU B 303 28.06 -8.93 5.30
C LEU B 303 27.67 -10.40 5.36
N ALA B 304 26.36 -10.67 5.32
CA ALA B 304 25.84 -12.04 5.28
C ALA B 304 26.43 -12.81 4.09
N SER B 305 26.62 -12.14 2.93
CA SER B 305 27.19 -12.78 1.75
C SER B 305 28.59 -13.32 2.06
N GLY B 306 29.43 -12.46 2.65
CA GLY B 306 30.82 -12.81 2.87
C GLY B 306 30.97 -13.90 3.93
N LEU B 307 30.17 -13.81 5.00
CA LEU B 307 30.12 -14.83 6.04
C LEU B 307 29.73 -16.19 5.43
N ILE B 308 28.62 -16.21 4.67
CA ILE B 308 28.16 -17.35 3.89
C ILE B 308 29.27 -17.90 2.99
N ASP B 309 30.00 -17.03 2.26
CA ASP B 309 31.03 -17.48 1.32
C ASP B 309 32.21 -18.13 2.05
N CYS B 310 32.42 -17.78 3.32
CA CYS B 310 33.47 -18.39 4.13
C CYS B 310 33.12 -19.84 4.44
N ALA B 311 31.86 -20.04 4.85
CA ALA B 311 31.38 -21.34 5.32
C ALA B 311 31.40 -22.39 4.21
N LEU B 312 31.43 -21.99 2.92
CA LEU B 312 31.60 -22.92 1.82
C LEU B 312 33.10 -23.13 1.49
N ALA B 313 33.91 -23.36 2.54
CA ALA B 313 35.35 -23.54 2.44
C ALA B 313 35.74 -24.32 1.18
N GLY B 347 41.29 -16.16 7.17
CA GLY B 347 40.10 -16.96 6.83
C GLY B 347 38.84 -16.12 6.68
N ARG B 348 38.11 -15.96 7.80
CA ARG B 348 36.74 -15.47 7.80
C ARG B 348 36.65 -13.98 7.45
N ALA B 349 37.47 -13.15 8.12
CA ALA B 349 37.44 -11.71 7.90
C ALA B 349 37.93 -11.33 6.49
N GLU B 350 38.74 -12.18 5.84
CA GLU B 350 39.19 -11.89 4.49
C GLU B 350 38.06 -11.98 3.46
N HIS B 351 37.09 -12.89 3.71
CA HIS B 351 35.92 -13.06 2.86
C HIS B 351 34.91 -11.94 3.07
N VAL B 352 34.58 -11.68 4.34
CA VAL B 352 33.80 -10.52 4.75
C VAL B 352 34.33 -9.24 4.10
N VAL B 353 35.63 -8.98 4.22
CA VAL B 353 36.24 -7.75 3.73
C VAL B 353 36.13 -7.72 2.20
N ARG B 354 36.35 -8.86 1.55
CA ARG B 354 36.24 -8.93 0.08
C ARG B 354 34.80 -8.67 -0.32
N ALA B 355 33.85 -9.26 0.40
CA ALA B 355 32.45 -9.09 0.09
C ALA B 355 32.07 -7.61 0.12
N LEU B 356 32.52 -6.91 1.18
CA LEU B 356 32.17 -5.51 1.35
C LEU B 356 32.66 -4.69 0.17
N ARG B 357 33.87 -5.02 -0.35
CA ARG B 357 34.53 -4.24 -1.38
C ARG B 357 33.88 -4.48 -2.74
N GLU B 358 33.16 -5.60 -2.90
CA GLU B 358 32.49 -5.88 -4.15
C GLU B 358 31.15 -5.15 -4.20
N ALA B 359 30.61 -4.80 -3.03
CA ALA B 359 29.42 -3.96 -2.89
C ALA B 359 29.74 -2.47 -2.87
N GLY B 360 31.03 -2.12 -3.07
CA GLY B 360 31.50 -0.75 -2.99
C GLY B 360 31.36 -0.15 -1.59
N ILE B 361 31.65 -0.97 -0.56
CA ILE B 361 31.69 -0.51 0.81
C ILE B 361 33.15 -0.49 1.26
N ASP B 362 33.56 0.58 1.95
CA ASP B 362 34.90 0.64 2.53
C ASP B 362 34.85 -0.21 3.80
N PRO B 363 35.56 -1.37 3.85
CA PRO B 363 35.57 -2.22 5.05
C PRO B 363 36.11 -1.56 6.32
N LEU B 364 36.97 -0.53 6.19
CA LEU B 364 37.45 0.25 7.33
C LEU B 364 36.44 1.30 7.76
N HIS B 365 35.67 1.83 6.78
CA HIS B 365 34.71 2.90 7.04
C HIS B 365 33.42 2.53 6.34
N PRO B 366 32.61 1.61 6.94
CA PRO B 366 31.48 0.99 6.25
C PRO B 366 30.31 1.94 5.98
N GLN B 367 30.25 3.04 6.74
CA GLN B 367 29.36 4.17 6.46
C GLN B 367 29.72 4.89 5.15
N ASN B 368 30.83 4.52 4.49
CA ASN B 368 31.29 5.21 3.28
C ASN B 368 31.45 4.20 2.16
N ASN B 369 31.66 4.70 0.95
CA ASN B 369 31.71 3.86 -0.25
C ASN B 369 33.08 4.00 -0.89
N LEU B 370 33.33 3.17 -1.92
CA LEU B 370 34.45 3.35 -2.82
C LEU B 370 33.94 4.04 -4.09
PG ATP C . -15.11 0.31 2.61
O1G ATP C . -13.70 0.68 2.99
O2G ATP C . -15.80 1.40 1.80
O3G ATP C . -15.46 -1.11 2.07
PB ATP C . -17.11 0.83 4.71
O1B ATP C . -16.64 1.94 5.59
O2B ATP C . -18.14 1.12 3.64
O3B ATP C . -15.79 0.19 4.08
PA ATP C . -18.64 -1.67 5.39
O1A ATP C . -20.05 -1.36 5.01
O2A ATP C . -17.86 -2.56 4.46
O3A ATP C . -17.72 -0.35 5.62
O5' ATP C . -18.63 -2.27 6.87
C5' ATP C . -17.37 -2.63 7.48
C4' ATP C . -17.30 -4.13 7.64
O4' ATP C . -18.10 -4.51 8.79
C3' ATP C . -17.82 -4.97 6.48
O3' ATP C . -16.81 -5.14 5.48
C2' ATP C . -18.21 -6.26 7.18
O2' ATP C . -17.12 -7.15 7.37
C1' ATP C . -18.73 -5.76 8.53
N9 ATP C . -20.20 -5.60 8.59
C8 ATP C . -20.99 -4.73 7.84
N7 ATP C . -22.28 -4.85 8.12
C5 ATP C . -22.32 -5.86 9.08
C6 ATP C . -23.39 -6.45 9.77
N6 ATP C . -24.65 -6.10 9.58
N1 ATP C . -23.09 -7.42 10.66
C2 ATP C . -21.81 -7.77 10.83
N3 ATP C . -20.72 -7.30 10.23
C4 ATP C . -21.05 -6.34 9.35
MG MG D . -17.74 0.84 1.49
MG MG E . -16.01 -2.93 3.27
C ACY F . -24.51 -3.56 5.79
O ACY F . -24.73 -4.00 6.93
OXT ACY F . -23.53 -2.85 5.51
CH3 ACY F . -25.47 -3.93 4.67
C1 GOL G . -13.46 -3.88 -10.14
O1 GOL G . -12.53 -4.44 -11.05
C2 GOL G . -14.79 -3.59 -10.83
O2 GOL G . -15.43 -4.85 -11.10
C3 GOL G . -15.72 -2.68 -10.06
O3 GOL G . -16.71 -2.06 -10.88
P PO4 H . 15.50 10.16 -1.30
O1 PO4 H . 16.66 9.34 -0.74
O2 PO4 H . 15.80 11.65 -1.13
O3 PO4 H . 15.34 9.84 -2.79
O4 PO4 H . 14.21 9.80 -0.56
#